data_8X0A
#
_entry.id   8X0A
#
_cell.length_a   109.750
_cell.length_b   81.430
_cell.length_c   120.457
_cell.angle_alpha   90.000
_cell.angle_beta   107.356
_cell.angle_gamma   90.000
#
_symmetry.space_group_name_H-M   'I 1 2 1'
#
loop_
_entity.id
_entity.type
_entity.pdbx_description
1 polymer 'Putative mycofactocin biosynthesis transcriptional regulator MftR'
2 water water
#
_entity_poly.entity_id   1
_entity_poly.type   'polypeptide(L)'
_entity_poly.pdbx_seq_one_letter_code
;TTPHHISDVAIELFAAHGFTDVSVDDIARAAGIARRTLFRYYASKNAIPWGDFSTHLAQLQGLLDNIDSRIQLRDALRAA
LLAFNTFDESETIRHRKRMRVILQTPELQAYSMTMYAGWREVIAKFVARRSGGKTTDFMPQTVAWTMLGVALSAYEHWLR
DESVSLTEALGAAFDVVGAGLDRLNQ
;
_entity_poly.pdbx_strand_id   A,E,B,C,D
#
# COMPACT_ATOMS: atom_id res chain seq x y z
N THR A 1 -16.39 4.14 -1.17
CA THR A 1 -15.54 3.65 -2.31
C THR A 1 -15.46 4.66 -3.46
N THR A 2 -16.49 5.54 -3.69
CA THR A 2 -16.24 6.78 -4.40
C THR A 2 -15.34 7.65 -3.53
N PRO A 3 -15.72 8.03 -2.26
CA PRO A 3 -14.78 8.67 -1.34
C PRO A 3 -13.42 8.00 -1.19
N HIS A 4 -13.42 6.66 -1.06
CA HIS A 4 -12.19 5.89 -0.86
C HIS A 4 -11.33 5.98 -2.11
N HIS A 5 -11.94 5.92 -3.32
CA HIS A 5 -11.20 6.00 -4.57
C HIS A 5 -10.48 7.34 -4.68
N ILE A 6 -11.20 8.44 -4.38
CA ILE A 6 -10.64 9.80 -4.38
C ILE A 6 -9.49 9.89 -3.37
N SER A 7 -9.67 9.32 -2.17
CA SER A 7 -8.66 9.38 -1.13
C SER A 7 -7.42 8.62 -1.56
N ASP A 8 -7.60 7.41 -2.10
CA ASP A 8 -6.49 6.56 -2.52
C ASP A 8 -5.64 7.28 -3.56
N VAL A 9 -6.31 7.84 -4.59
CA VAL A 9 -5.68 8.61 -5.65
C VAL A 9 -4.93 9.81 -5.06
N ALA A 10 -5.59 10.55 -4.15
CA ALA A 10 -5.00 11.71 -3.47
C ALA A 10 -3.73 11.33 -2.72
N ILE A 11 -3.71 10.18 -2.06
CA ILE A 11 -2.58 9.76 -1.25
C ILE A 11 -1.40 9.33 -2.13
N GLU A 12 -1.66 8.70 -3.29
CA GLU A 12 -0.62 8.39 -4.25
C GLU A 12 0.05 9.68 -4.72
N LEU A 13 -0.75 10.71 -5.01
CA LEU A 13 -0.23 12.02 -5.42
C LEU A 13 0.52 12.70 -4.26
N PHE A 14 0.00 12.64 -3.03
CA PHE A 14 0.65 13.26 -1.88
C PHE A 14 1.98 12.55 -1.55
N ALA A 15 2.02 11.22 -1.64
CA ALA A 15 3.26 10.44 -1.53
C ALA A 15 4.31 10.82 -2.58
N ALA A 16 3.93 10.98 -3.86
CA ALA A 16 4.89 11.24 -4.93
C ALA A 16 5.42 12.68 -4.89
N HIS A 17 4.51 13.66 -4.76
CA HIS A 17 4.83 15.09 -4.82
C HIS A 17 4.72 15.58 -3.37
N GLY A 18 4.58 16.87 -3.11
CA GLY A 18 4.19 17.29 -1.76
C GLY A 18 2.72 16.97 -1.44
N PHE A 19 2.30 17.28 -0.21
CA PHE A 19 0.90 17.62 0.05
C PHE A 19 0.60 19.00 -0.56
N THR A 20 1.46 19.98 -0.29
CA THR A 20 1.22 21.37 -0.68
C THR A 20 1.28 21.56 -2.21
N ASP A 21 2.07 20.79 -2.95
CA ASP A 21 2.15 20.88 -4.40
C ASP A 21 1.06 20.10 -5.15
N VAL A 22 0.15 19.40 -4.47
CA VAL A 22 -0.96 18.71 -5.09
C VAL A 22 -2.24 19.53 -4.85
N SER A 23 -2.94 19.83 -5.94
CA SER A 23 -4.17 20.63 -5.84
C SER A 23 -5.41 19.75 -5.84
N VAL A 24 -6.52 20.33 -5.47
CA VAL A 24 -7.80 19.65 -5.48
C VAL A 24 -8.18 19.20 -6.90
N ASP A 25 -7.76 19.95 -7.93
CA ASP A 25 -8.04 19.59 -9.34
C ASP A 25 -7.15 18.42 -9.72
N ASP A 26 -5.89 18.46 -9.30
CA ASP A 26 -5.00 17.32 -9.55
C ASP A 26 -5.66 16.02 -9.09
N ILE A 27 -6.35 16.09 -7.94
CA ILE A 27 -7.02 14.95 -7.34
C ILE A 27 -8.26 14.55 -8.15
N ALA A 28 -9.07 15.54 -8.54
CA ALA A 28 -10.25 15.34 -9.38
C ALA A 28 -9.86 14.71 -10.73
N ARG A 29 -8.76 15.18 -11.33
CA ARG A 29 -8.27 14.71 -12.61
C ARG A 29 -7.81 13.25 -12.51
N ALA A 30 -6.98 12.96 -11.50
CA ALA A 30 -6.49 11.60 -11.27
C ALA A 30 -7.62 10.62 -10.92
N ALA A 31 -8.69 11.11 -10.25
CA ALA A 31 -9.86 10.30 -9.87
C ALA A 31 -10.90 10.20 -11.00
N GLY A 32 -10.73 11.00 -12.08
CA GLY A 32 -11.59 10.95 -13.24
C GLY A 32 -12.95 11.59 -12.98
N ILE A 33 -13.01 12.69 -12.21
CA ILE A 33 -14.23 13.39 -11.87
C ILE A 33 -14.05 14.88 -12.10
N ALA A 34 -15.18 15.60 -12.24
CA ALA A 34 -15.18 17.06 -12.12
C ALA A 34 -14.82 17.50 -10.69
N ARG A 35 -14.28 18.72 -10.59
CA ARG A 35 -13.89 19.32 -9.32
C ARG A 35 -15.06 19.41 -8.34
N ARG A 36 -16.25 19.84 -8.83
CA ARG A 36 -17.48 19.91 -8.06
C ARG A 36 -17.93 18.56 -7.50
N THR A 37 -17.74 17.49 -8.30
CA THR A 37 -18.09 16.14 -7.87
C THR A 37 -17.32 15.72 -6.62
N LEU A 38 -16.03 16.06 -6.57
CA LEU A 38 -15.19 15.81 -5.40
C LEU A 38 -15.78 16.46 -4.14
N PHE A 39 -16.40 17.64 -4.25
CA PHE A 39 -16.88 18.37 -3.09
C PHE A 39 -18.15 17.77 -2.49
N ARG A 40 -18.81 16.85 -3.19
CA ARG A 40 -19.95 16.13 -2.60
C ARG A 40 -19.44 15.16 -1.54
N TYR A 41 -18.21 14.64 -1.70
CA TYR A 41 -17.60 13.68 -0.77
C TYR A 41 -16.69 14.33 0.27
N TYR A 42 -16.12 15.52 0.01
CA TYR A 42 -15.11 16.14 0.85
C TYR A 42 -15.31 17.67 0.87
N ALA A 43 -15.25 18.27 2.07
CA ALA A 43 -15.51 19.70 2.24
C ALA A 43 -14.23 20.51 2.12
N SER A 44 -13.05 19.85 2.10
CA SER A 44 -11.78 20.55 1.96
C SER A 44 -10.68 19.56 1.59
N LYS A 45 -9.50 20.10 1.26
CA LYS A 45 -8.34 19.31 0.91
C LYS A 45 -7.85 18.51 2.10
N ASN A 46 -7.83 19.15 3.29
CA ASN A 46 -7.34 18.53 4.52
C ASN A 46 -8.18 17.31 4.95
N ALA A 47 -9.47 17.25 4.54
CA ALA A 47 -10.33 16.11 4.79
C ALA A 47 -9.95 14.86 4.00
N ILE A 48 -9.31 15.03 2.83
CA ILE A 48 -9.23 13.99 1.81
C ILE A 48 -8.36 12.82 2.28
N PRO A 49 -7.17 13.00 2.89
CA PRO A 49 -6.36 11.88 3.38
C PRO A 49 -7.05 10.97 4.40
N TRP A 50 -8.04 11.53 5.14
CA TRP A 50 -8.81 10.77 6.11
C TRP A 50 -9.90 9.91 5.50
N GLY A 51 -10.08 9.90 4.18
CA GLY A 51 -11.12 9.11 3.56
C GLY A 51 -12.49 9.41 4.19
N ASP A 52 -13.32 8.37 4.23
CA ASP A 52 -14.68 8.51 4.75
C ASP A 52 -14.64 8.86 6.23
N PHE A 53 -13.82 8.16 7.01
CA PHE A 53 -13.66 8.29 8.46
C PHE A 53 -14.96 8.30 9.25
N SER A 54 -15.97 9.12 8.93
CA SER A 54 -17.36 8.92 9.37
C SER A 54 -17.80 7.47 9.24
N THR A 55 -17.49 6.84 8.08
CA THR A 55 -17.83 5.44 7.83
C THR A 55 -16.92 4.50 8.62
N HIS A 56 -15.61 4.79 8.71
CA HIS A 56 -14.74 4.00 9.57
C HIS A 56 -15.23 4.02 11.03
N LEU A 57 -15.65 5.17 11.56
CA LEU A 57 -16.15 5.29 12.92
C LEU A 57 -17.47 4.54 13.08
N ALA A 58 -18.36 4.55 12.09
CA ALA A 58 -19.60 3.78 12.13
C ALA A 58 -19.31 2.28 12.13
N GLN A 59 -18.29 1.84 11.38
CA GLN A 59 -17.84 0.45 11.32
C GLN A 59 -17.23 0.01 12.65
N LEU A 60 -16.38 0.83 13.27
CA LEU A 60 -15.86 0.57 14.61
C LEU A 60 -17.01 0.46 15.61
N GLN A 61 -17.99 1.38 15.59
CA GLN A 61 -19.19 1.27 16.39
C GLN A 61 -19.91 -0.06 16.10
N GLY A 62 -20.07 -0.44 14.83
CA GLY A 62 -20.71 -1.69 14.44
C GLY A 62 -19.98 -2.90 15.00
N LEU A 63 -18.66 -2.91 14.93
CA LEU A 63 -17.83 -3.99 15.45
C LEU A 63 -17.98 -4.10 16.96
N LEU A 64 -17.92 -2.98 17.68
CA LEU A 64 -18.09 -2.97 19.14
C LEU A 64 -19.53 -3.33 19.53
N ASP A 65 -20.54 -2.83 18.81
CA ASP A 65 -21.94 -3.20 19.06
C ASP A 65 -22.14 -4.71 18.89
N ASN A 66 -21.45 -5.35 17.95
CA ASN A 66 -21.64 -6.76 17.62
C ASN A 66 -20.66 -7.68 18.35
N ILE A 67 -19.76 -7.16 19.20
CA ILE A 67 -18.96 -8.02 20.06
C ILE A 67 -19.89 -8.56 21.15
N ASP A 68 -19.77 -9.85 21.46
CA ASP A 68 -20.69 -10.47 22.40
C ASP A 68 -20.48 -9.83 23.78
N SER A 69 -21.58 -9.58 24.49
CA SER A 69 -21.62 -8.86 25.76
C SER A 69 -20.85 -9.61 26.85
N ARG A 70 -20.81 -10.96 26.74
CA ARG A 70 -20.07 -11.83 27.65
C ARG A 70 -18.56 -11.71 27.49
N ILE A 71 -18.04 -11.22 26.34
CA ILE A 71 -16.63 -10.91 26.16
C ILE A 71 -16.26 -9.71 27.04
N GLN A 72 -15.22 -9.90 27.87
CA GLN A 72 -14.71 -8.92 28.82
C GLN A 72 -14.20 -7.67 28.11
N LEU A 73 -14.20 -6.55 28.84
CA LEU A 73 -13.95 -5.22 28.30
C LEU A 73 -12.53 -5.13 27.69
N ARG A 74 -11.52 -5.65 28.40
CA ARG A 74 -10.15 -5.57 27.92
C ARG A 74 -10.01 -6.29 26.57
N ASP A 75 -10.62 -7.49 26.46
CA ASP A 75 -10.54 -8.31 25.27
C ASP A 75 -11.23 -7.62 24.10
N ALA A 76 -12.38 -7.00 24.35
CA ALA A 76 -13.13 -6.25 23.35
C ALA A 76 -12.35 -5.07 22.80
N LEU A 77 -11.65 -4.31 23.65
CA LEU A 77 -10.85 -3.15 23.26
C LEU A 77 -9.65 -3.58 22.40
N ARG A 78 -8.94 -4.61 22.86
CA ARG A 78 -7.83 -5.16 22.09
C ARG A 78 -8.34 -5.71 20.76
N ALA A 79 -9.42 -6.49 20.79
CA ALA A 79 -10.00 -7.08 19.58
C ALA A 79 -10.39 -5.99 18.60
N ALA A 80 -11.03 -4.92 19.05
CA ALA A 80 -11.49 -3.83 18.19
C ALA A 80 -10.31 -3.02 17.63
N LEU A 81 -9.34 -2.66 18.48
CA LEU A 81 -8.13 -1.99 18.05
C LEU A 81 -7.48 -2.75 16.88
N LEU A 82 -7.27 -4.06 17.01
CA LEU A 82 -6.55 -4.82 16.00
C LEU A 82 -7.40 -5.11 14.76
N ALA A 83 -8.71 -5.32 14.91
CA ALA A 83 -9.57 -5.57 13.76
C ALA A 83 -9.74 -4.31 12.90
N PHE A 84 -9.87 -3.13 13.53
CA PHE A 84 -10.05 -1.85 12.84
C PHE A 84 -8.78 -1.45 12.06
N ASN A 85 -7.62 -2.01 12.42
CA ASN A 85 -6.37 -1.76 11.72
C ASN A 85 -5.85 -3.07 11.13
N THR A 86 -6.65 -3.69 10.24
CA THR A 86 -6.19 -4.90 9.44
C THR A 86 -6.40 -4.72 7.90
N PHE A 87 -5.49 -5.35 7.06
CA PHE A 87 -5.65 -5.12 5.59
C PHE A 87 -5.13 -6.21 4.57
N ASP A 88 -5.15 -6.28 3.17
CA ASP A 88 -4.29 -7.15 2.40
C ASP A 88 -2.88 -6.58 2.33
N GLU A 89 -1.93 -7.36 1.80
CA GLU A 89 -0.62 -6.85 1.44
C GLU A 89 -0.78 -5.57 0.61
N SER A 90 -1.79 -5.57 -0.29
CA SER A 90 -2.15 -4.47 -1.17
C SER A 90 -2.57 -3.20 -0.40
N GLU A 91 -3.53 -3.34 0.52
CA GLU A 91 -4.11 -2.18 1.20
C GLU A 91 -3.20 -1.71 2.35
N THR A 92 -2.28 -2.57 2.81
CA THR A 92 -1.19 -2.19 3.71
C THR A 92 -0.27 -1.15 3.05
N ILE A 93 -0.01 -1.25 1.74
CA ILE A 93 0.90 -0.33 1.06
C ILE A 93 0.31 1.09 1.01
N ARG A 94 -0.99 1.19 0.68
CA ARG A 94 -1.67 2.49 0.60
C ARG A 94 -1.84 3.07 2.01
N HIS A 95 -2.02 2.23 3.02
CA HIS A 95 -2.17 2.67 4.39
C HIS A 95 -0.86 3.25 4.92
N ARG A 96 0.29 2.68 4.50
CA ARG A 96 1.56 3.25 4.90
C ARG A 96 1.73 4.67 4.37
N LYS A 97 1.37 4.89 3.08
CA LYS A 97 1.43 6.20 2.46
C LYS A 97 0.47 7.19 3.13
N ARG A 98 -0.76 6.70 3.41
CA ARG A 98 -1.83 7.47 4.05
C ARG A 98 -1.41 7.95 5.44
N MET A 99 -0.81 7.06 6.26
CA MET A 99 -0.46 7.40 7.63
C MET A 99 0.74 8.37 7.69
N ARG A 100 1.71 8.20 6.77
CA ARG A 100 2.78 9.19 6.59
C ARG A 100 2.24 10.58 6.35
N VAL A 101 1.31 10.72 5.39
CA VAL A 101 0.67 12.00 5.11
C VAL A 101 -0.06 12.51 6.36
N ILE A 102 -0.87 11.66 7.03
CA ILE A 102 -1.70 12.10 8.15
C ILE A 102 -0.81 12.56 9.29
N LEU A 103 0.16 11.73 9.67
CA LEU A 103 0.97 11.98 10.86
C LEU A 103 1.94 13.14 10.64
N GLN A 104 2.49 13.31 9.42
CA GLN A 104 3.62 14.21 9.21
C GLN A 104 3.25 15.58 8.63
N THR A 105 2.05 15.77 8.04
CA THR A 105 1.71 16.99 7.31
C THR A 105 1.14 18.09 8.22
N PRO A 106 1.81 19.25 8.42
CA PRO A 106 1.33 20.30 9.33
C PRO A 106 -0.11 20.78 9.15
N GLU A 107 -0.55 20.88 7.88
CA GLU A 107 -1.86 21.41 7.54
C GLU A 107 -3.00 20.46 7.93
N LEU A 108 -2.71 19.17 8.19
CA LEU A 108 -3.71 18.16 8.54
C LEU A 108 -3.89 18.02 10.05
N GLN A 109 -3.08 18.68 10.89
CA GLN A 109 -3.03 18.40 12.31
C GLN A 109 -4.30 18.91 13.02
N ALA A 110 -4.74 20.13 12.70
CA ALA A 110 -5.99 20.68 13.23
C ALA A 110 -7.14 19.70 12.94
N TYR A 111 -7.27 19.29 11.68
CA TYR A 111 -8.34 18.42 11.22
C TYR A 111 -8.23 17.04 11.87
N SER A 112 -7.01 16.47 11.91
CA SER A 112 -6.67 15.22 12.57
C SER A 112 -7.12 15.22 14.02
N MET A 113 -6.98 16.33 14.77
CA MET A 113 -7.37 16.39 16.17
C MET A 113 -8.88 16.11 16.32
N THR A 114 -9.69 16.61 15.39
CA THR A 114 -11.13 16.37 15.35
C THR A 114 -11.42 14.89 15.04
N MET A 115 -10.61 14.26 14.18
CA MET A 115 -10.78 12.85 13.83
C MET A 115 -10.40 11.95 15.01
N TYR A 116 -9.29 12.27 15.68
CA TYR A 116 -8.87 11.57 16.88
C TYR A 116 -9.94 11.70 17.97
N ALA A 117 -10.55 12.88 18.13
CA ALA A 117 -11.59 13.12 19.13
C ALA A 117 -12.83 12.28 18.86
N GLY A 118 -13.14 12.08 17.57
CA GLY A 118 -14.20 11.19 17.14
C GLY A 118 -13.93 9.74 17.54
N TRP A 119 -12.71 9.30 17.31
CA TRP A 119 -12.27 7.94 17.63
C TRP A 119 -12.33 7.72 19.14
N ARG A 120 -11.70 8.61 19.90
CA ARG A 120 -11.81 8.59 21.36
C ARG A 120 -13.24 8.65 21.85
N GLU A 121 -14.16 9.37 21.18
CA GLU A 121 -15.58 9.38 21.57
C GLU A 121 -16.17 7.98 21.45
N VAL A 122 -15.81 7.21 20.39
CA VAL A 122 -16.33 5.87 20.21
C VAL A 122 -15.86 4.98 21.36
N ILE A 123 -14.56 5.05 21.65
CA ILE A 123 -13.92 4.22 22.68
C ILE A 123 -14.51 4.54 24.05
N ALA A 124 -14.62 5.83 24.38
CA ALA A 124 -15.13 6.27 25.66
C ALA A 124 -16.61 5.86 25.86
N LYS A 125 -17.43 6.01 24.81
CA LYS A 125 -18.82 5.53 24.82
C LYS A 125 -18.89 4.04 25.12
N PHE A 126 -18.01 3.24 24.49
CA PHE A 126 -18.01 1.80 24.67
C PHE A 126 -17.67 1.41 26.11
N VAL A 127 -16.68 2.09 26.69
CA VAL A 127 -16.24 1.86 28.07
C VAL A 127 -17.39 2.25 29.01
N ALA A 128 -18.02 3.44 28.77
CA ALA A 128 -19.13 3.90 29.58
C ALA A 128 -20.25 2.84 29.52
N ARG A 129 -20.56 2.34 28.31
CA ARG A 129 -21.57 1.32 28.08
C ARG A 129 -21.29 0.06 28.89
N ARG A 130 -20.03 -0.37 29.07
CA ARG A 130 -19.73 -1.58 29.83
C ARG A 130 -19.58 -1.33 31.34
N SER A 131 -19.24 -0.10 31.75
CA SER A 131 -18.92 0.20 33.14
C SER A 131 -19.96 1.07 33.83
N GLY A 132 -20.90 1.69 33.12
CA GLY A 132 -21.67 2.79 33.65
C GLY A 132 -20.89 4.11 33.63
N GLY A 133 -21.45 5.09 34.32
CA GLY A 133 -21.01 6.48 34.30
C GLY A 133 -21.46 7.23 33.06
N LYS A 134 -20.84 8.40 32.84
CA LYS A 134 -20.92 9.22 31.64
C LYS A 134 -19.61 9.12 30.86
N THR A 135 -19.72 9.30 29.54
CA THR A 135 -18.65 9.32 28.54
C THR A 135 -17.52 10.30 28.92
N THR A 136 -17.89 11.43 29.54
CA THR A 136 -16.93 12.47 29.92
C THR A 136 -16.27 12.23 31.29
N ASP A 137 -16.61 11.16 32.00
CA ASP A 137 -15.93 10.83 33.26
C ASP A 137 -14.45 10.52 32.96
N PHE A 138 -13.63 10.57 34.02
CA PHE A 138 -12.19 10.42 33.92
C PHE A 138 -11.80 9.08 33.29
N MET A 139 -12.32 7.94 33.77
CA MET A 139 -11.82 6.64 33.38
C MET A 139 -12.12 6.35 31.88
N PRO A 140 -13.36 6.42 31.33
CA PRO A 140 -13.55 6.26 29.89
C PRO A 140 -12.64 7.12 28.98
N GLN A 141 -12.35 8.32 29.48
CA GLN A 141 -11.64 9.38 28.79
C GLN A 141 -10.15 9.03 28.78
N THR A 142 -9.63 8.65 29.96
CA THR A 142 -8.26 8.19 30.13
C THR A 142 -8.02 6.93 29.29
N VAL A 143 -8.97 5.99 29.26
CA VAL A 143 -8.80 4.77 28.48
C VAL A 143 -8.78 5.14 26.98
N ALA A 144 -9.60 6.09 26.52
CA ALA A 144 -9.64 6.47 25.12
C ALA A 144 -8.34 7.12 24.70
N TRP A 145 -7.82 8.05 25.52
CA TRP A 145 -6.55 8.73 25.30
C TRP A 145 -5.35 7.77 25.33
N THR A 146 -5.34 6.88 26.30
CA THR A 146 -4.34 5.84 26.45
C THR A 146 -4.29 4.98 25.20
N MET A 147 -5.47 4.54 24.74
CA MET A 147 -5.59 3.74 23.53
C MET A 147 -5.15 4.50 22.29
N LEU A 148 -5.38 5.82 22.23
CA LEU A 148 -4.87 6.64 21.15
C LEU A 148 -3.34 6.67 21.18
N GLY A 149 -2.73 6.88 22.36
CA GLY A 149 -1.28 6.86 22.50
C GLY A 149 -0.64 5.52 22.10
N VAL A 150 -1.24 4.41 22.54
CA VAL A 150 -0.86 3.06 22.14
C VAL A 150 -0.83 2.97 20.62
N ALA A 151 -1.94 3.40 19.95
CA ALA A 151 -2.09 3.31 18.51
C ALA A 151 -1.01 4.14 17.81
N LEU A 152 -0.78 5.40 18.21
CA LEU A 152 0.18 6.26 17.53
C LEU A 152 1.60 5.74 17.72
N SER A 153 1.92 5.25 18.90
CA SER A 153 3.16 4.54 19.15
C SER A 153 3.37 3.37 18.18
N ALA A 154 2.32 2.56 17.96
CA ALA A 154 2.33 1.41 17.07
C ALA A 154 2.52 1.83 15.63
N TYR A 155 1.76 2.84 15.21
CA TYR A 155 1.84 3.44 13.88
C TYR A 155 3.24 3.97 13.60
N GLU A 156 3.86 4.65 14.57
CA GLU A 156 5.19 5.20 14.34
C GLU A 156 6.25 4.11 14.24
N HIS A 157 6.15 3.09 15.09
CA HIS A 157 7.04 1.94 15.06
C HIS A 157 6.96 1.25 13.71
N TRP A 158 5.73 1.07 13.23
CA TRP A 158 5.41 0.43 11.96
C TRP A 158 5.99 1.19 10.77
N LEU A 159 5.84 2.54 10.74
CA LEU A 159 6.37 3.39 9.68
C LEU A 159 7.90 3.41 9.69
N ARG A 160 8.54 3.41 10.87
CA ARG A 160 9.97 3.56 10.97
C ARG A 160 10.68 2.26 10.58
N ASP A 161 10.01 1.08 10.54
CA ASP A 161 10.66 -0.21 10.35
C ASP A 161 10.31 -0.87 9.02
N GLU A 162 9.04 -1.20 8.73
CA GLU A 162 8.69 -1.70 7.39
C GLU A 162 8.92 -3.20 7.30
N SER A 163 9.50 -3.87 8.33
CA SER A 163 9.50 -5.34 8.42
C SER A 163 8.42 -5.75 9.43
N VAL A 164 7.66 -4.79 9.99
CA VAL A 164 6.88 -4.95 11.21
C VAL A 164 5.42 -5.16 10.80
N SER A 165 4.74 -6.07 11.51
CA SER A 165 3.32 -6.24 11.32
C SER A 165 2.61 -5.14 12.12
N LEU A 166 1.65 -4.43 11.48
CA LEU A 166 0.88 -3.42 12.16
C LEU A 166 0.12 -4.00 13.36
N THR A 167 -0.56 -5.15 13.17
CA THR A 167 -1.37 -5.77 14.22
C THR A 167 -0.51 -6.30 15.35
N GLU A 168 0.71 -6.78 15.06
CA GLU A 168 1.64 -7.17 16.10
C GLU A 168 2.07 -5.94 16.90
N ALA A 169 2.36 -4.83 16.19
CA ALA A 169 2.75 -3.58 16.82
C ALA A 169 1.64 -3.06 17.75
N LEU A 170 0.41 -3.01 17.26
CA LEU A 170 -0.75 -2.62 18.05
C LEU A 170 -0.98 -3.55 19.25
N GLY A 171 -0.87 -4.87 19.04
CA GLY A 171 -1.08 -5.83 20.10
C GLY A 171 -0.02 -5.68 21.20
N ALA A 172 1.24 -5.48 20.79
CA ALA A 172 2.36 -5.29 21.71
C ALA A 172 2.17 -4.00 22.51
N ALA A 173 1.86 -2.89 21.80
CA ALA A 173 1.65 -1.58 22.41
C ALA A 173 0.46 -1.63 23.38
N PHE A 174 -0.64 -2.26 22.97
CA PHE A 174 -1.79 -2.44 23.85
C PHE A 174 -1.38 -3.19 25.12
N ASP A 175 -0.57 -4.24 24.98
CA ASP A 175 -0.27 -5.14 26.08
C ASP A 175 0.60 -4.48 27.15
N VAL A 176 1.45 -3.48 26.78
CA VAL A 176 2.20 -2.77 27.80
C VAL A 176 1.22 -2.10 28.79
N VAL A 177 0.24 -1.41 28.20
CA VAL A 177 -0.73 -0.62 28.91
C VAL A 177 -1.84 -1.51 29.50
N GLY A 178 -2.10 -2.66 28.88
CA GLY A 178 -3.01 -3.67 29.42
C GLY A 178 -2.50 -4.29 30.71
N ALA A 179 -1.23 -4.73 30.66
CA ALA A 179 -0.50 -5.24 31.81
C ALA A 179 -0.32 -4.16 32.87
N GLY A 180 0.02 -2.94 32.42
CA GLY A 180 0.08 -1.74 33.25
C GLY A 180 1.52 -1.29 33.43
N LEU A 181 1.73 -0.03 33.82
CA LEU A 181 3.07 0.50 34.07
C LEU A 181 3.68 -0.09 35.35
N ASP A 182 2.83 -0.53 36.29
CA ASP A 182 3.21 -1.37 37.43
C ASP A 182 4.02 -2.64 37.03
N ARG A 183 4.23 -2.89 35.75
CA ARG A 183 5.05 -4.07 35.38
C ARG A 183 6.26 -3.70 34.50
N LEU A 184 6.11 -2.88 33.46
CA LEU A 184 7.19 -2.67 32.49
C LEU A 184 6.86 -1.49 31.54
N THR B 1 40.27 -9.81 -40.38
CA THR B 1 41.46 -9.25 -41.10
C THR B 1 41.06 -7.87 -41.64
N THR B 2 40.04 -7.84 -42.54
CA THR B 2 39.15 -6.69 -42.75
C THR B 2 37.97 -6.88 -41.79
N PRO B 3 37.39 -5.79 -41.22
CA PRO B 3 36.04 -5.82 -40.63
C PRO B 3 34.97 -6.56 -41.44
N HIS B 4 34.95 -6.31 -42.76
CA HIS B 4 33.98 -6.91 -43.65
C HIS B 4 34.16 -8.43 -43.70
N HIS B 5 35.43 -8.92 -43.75
CA HIS B 5 35.71 -10.35 -43.79
C HIS B 5 35.17 -11.04 -42.52
N ILE B 6 35.45 -10.43 -41.35
CA ILE B 6 34.96 -10.90 -40.06
C ILE B 6 33.43 -10.95 -40.05
N SER B 7 32.78 -9.88 -40.54
CA SER B 7 31.32 -9.79 -40.54
C SER B 7 30.74 -10.87 -41.44
N ASP B 8 31.30 -11.02 -42.64
CA ASP B 8 30.79 -11.96 -43.62
C ASP B 8 30.84 -13.39 -43.07
N VAL B 9 32.00 -13.77 -42.49
CA VAL B 9 32.17 -15.08 -41.91
C VAL B 9 31.23 -15.26 -40.70
N ALA B 10 31.06 -14.23 -39.87
CA ALA B 10 30.11 -14.26 -38.76
C ALA B 10 28.67 -14.51 -39.23
N ILE B 11 28.27 -13.91 -40.36
CA ILE B 11 26.91 -14.04 -40.86
C ILE B 11 26.67 -15.45 -41.42
N GLU B 12 27.68 -16.05 -42.08
CA GLU B 12 27.60 -17.45 -42.52
C GLU B 12 27.36 -18.38 -41.32
N LEU B 13 28.08 -18.14 -40.21
CA LEU B 13 27.94 -18.92 -38.98
C LEU B 13 26.55 -18.68 -38.34
N PHE B 14 26.10 -17.41 -38.31
CA PHE B 14 24.80 -17.07 -37.73
C PHE B 14 23.64 -17.66 -38.55
N ALA B 15 23.75 -17.61 -39.89
CA ALA B 15 22.83 -18.28 -40.81
C ALA B 15 22.73 -19.80 -40.58
N ALA B 16 23.87 -20.50 -40.42
CA ALA B 16 23.89 -21.96 -40.33
C ALA B 16 23.38 -22.44 -38.96
N HIS B 17 23.91 -21.85 -37.87
CA HIS B 17 23.62 -22.25 -36.49
C HIS B 17 22.71 -21.16 -35.92
N GLY B 18 22.59 -21.01 -34.60
CA GLY B 18 21.92 -19.83 -34.07
C GLY B 18 22.76 -18.55 -34.22
N PHE B 19 22.20 -17.38 -33.87
CA PHE B 19 23.04 -16.26 -33.43
C PHE B 19 23.56 -16.56 -32.03
N THR B 20 22.64 -17.01 -31.17
CA THR B 20 22.90 -17.25 -29.75
C THR B 20 23.93 -18.37 -29.55
N ASP B 21 23.93 -19.41 -30.41
CA ASP B 21 24.83 -20.55 -30.28
C ASP B 21 26.21 -20.34 -30.93
N VAL B 22 26.48 -19.17 -31.57
CA VAL B 22 27.77 -18.86 -32.14
C VAL B 22 28.48 -17.88 -31.20
N SER B 23 29.70 -18.25 -30.81
CA SER B 23 30.48 -17.40 -29.88
C SER B 23 31.41 -16.47 -30.64
N VAL B 24 31.99 -15.51 -29.93
CA VAL B 24 32.93 -14.60 -30.56
C VAL B 24 34.23 -15.33 -30.94
N ASP B 25 34.60 -16.36 -30.18
CA ASP B 25 35.80 -17.15 -30.56
C ASP B 25 35.45 -17.97 -31.80
N ASP B 26 34.30 -18.63 -31.82
CA ASP B 26 33.91 -19.36 -33.07
C ASP B 26 34.18 -18.46 -34.28
N ILE B 27 33.84 -17.18 -34.18
CA ILE B 27 34.00 -16.23 -35.27
C ILE B 27 35.48 -15.95 -35.53
N ALA B 28 36.26 -15.73 -34.46
CA ALA B 28 37.70 -15.52 -34.55
C ALA B 28 38.39 -16.73 -35.21
N ARG B 29 38.00 -17.95 -34.80
CA ARG B 29 38.56 -19.19 -35.34
C ARG B 29 38.25 -19.34 -36.82
N ALA B 30 36.98 -19.19 -37.20
CA ALA B 30 36.54 -19.29 -38.58
C ALA B 30 37.16 -18.20 -39.47
N ALA B 31 37.45 -17.01 -38.91
CA ALA B 31 38.08 -15.90 -39.62
C ALA B 31 39.62 -15.99 -39.62
N GLY B 32 40.19 -16.88 -38.80
CA GLY B 32 41.62 -17.09 -38.75
C GLY B 32 42.37 -15.95 -38.04
N ILE B 33 41.79 -15.45 -36.93
CA ILE B 33 42.38 -14.39 -36.12
C ILE B 33 42.30 -14.76 -34.65
N ALA B 34 43.16 -14.13 -33.83
CA ALA B 34 43.03 -14.15 -32.37
C ALA B 34 41.77 -13.41 -31.93
N ARG B 35 41.25 -13.76 -30.76
CA ARG B 35 40.01 -13.11 -30.28
C ARG B 35 40.26 -11.61 -30.13
N ARG B 36 41.34 -11.23 -29.47
CA ARG B 36 41.61 -9.81 -29.23
C ARG B 36 41.74 -9.03 -30.55
N THR B 37 42.20 -9.68 -31.64
CA THR B 37 42.24 -9.03 -32.96
C THR B 37 40.83 -8.64 -33.43
N LEU B 38 39.84 -9.51 -33.19
CA LEU B 38 38.46 -9.23 -33.52
C LEU B 38 37.97 -7.97 -32.81
N PHE B 39 38.39 -7.75 -31.54
CA PHE B 39 37.88 -6.65 -30.73
C PHE B 39 38.46 -5.30 -31.15
N ARG B 40 39.51 -5.26 -31.98
CA ARG B 40 40.01 -4.02 -32.55
C ARG B 40 38.97 -3.45 -33.53
N TYR B 41 38.24 -4.34 -34.23
CA TYR B 41 37.26 -3.94 -35.24
C TYR B 41 35.83 -3.88 -34.71
N TYR B 42 35.50 -4.62 -33.63
CA TYR B 42 34.14 -4.71 -33.11
C TYR B 42 34.18 -4.77 -31.58
N ALA B 43 33.42 -3.90 -30.89
CA ALA B 43 33.44 -3.84 -29.44
C ALA B 43 32.56 -4.92 -28.80
N SER B 44 31.74 -5.62 -29.60
CA SER B 44 30.69 -6.47 -29.10
C SER B 44 30.31 -7.50 -30.18
N LYS B 45 29.69 -8.61 -29.76
CA LYS B 45 29.14 -9.60 -30.67
C LYS B 45 27.98 -9.00 -31.48
N ASN B 46 27.12 -8.22 -30.80
CA ASN B 46 25.95 -7.58 -31.41
C ASN B 46 26.33 -6.59 -32.51
N ALA B 47 27.51 -5.96 -32.43
CA ALA B 47 27.99 -5.06 -33.47
C ALA B 47 28.38 -5.76 -34.77
N ILE B 48 28.71 -7.07 -34.74
CA ILE B 48 29.38 -7.77 -35.83
C ILE B 48 28.48 -7.86 -37.06
N PRO B 49 27.18 -8.23 -36.99
CA PRO B 49 26.33 -8.28 -38.19
C PRO B 49 26.16 -6.93 -38.90
N TRP B 50 26.26 -5.82 -38.14
CA TRP B 50 26.14 -4.46 -38.64
C TRP B 50 27.52 -4.02 -39.11
N GLY B 51 28.03 -4.65 -40.16
CA GLY B 51 29.46 -4.62 -40.50
C GLY B 51 30.38 -3.39 -40.56
N ASP B 52 30.03 -2.37 -41.37
CA ASP B 52 30.82 -1.15 -41.42
C ASP B 52 29.68 -0.17 -41.72
N PHE B 53 28.66 -0.16 -40.86
CA PHE B 53 27.49 0.73 -40.98
C PHE B 53 27.88 2.20 -40.79
N SER B 54 28.86 2.47 -39.90
CA SER B 54 29.45 3.79 -39.70
C SER B 54 29.81 4.43 -41.06
N THR B 55 30.44 3.64 -41.94
CA THR B 55 30.86 4.07 -43.26
C THR B 55 29.66 4.24 -44.19
N HIS B 56 28.70 3.27 -44.15
CA HIS B 56 27.49 3.42 -44.93
C HIS B 56 26.77 4.74 -44.57
N LEU B 57 26.66 5.08 -43.26
CA LEU B 57 26.01 6.29 -42.82
C LEU B 57 26.73 7.53 -43.28
N ALA B 58 28.08 7.52 -43.22
CA ALA B 58 28.86 8.67 -43.68
C ALA B 58 28.65 8.91 -45.18
N GLN B 59 28.61 7.82 -45.97
CA GLN B 59 28.39 7.86 -47.42
C GLN B 59 26.99 8.37 -47.78
N LEU B 60 25.95 7.86 -47.09
CA LEU B 60 24.59 8.35 -47.24
C LEU B 60 24.50 9.85 -46.92
N GLN B 61 25.10 10.29 -45.81
CA GLN B 61 25.19 11.70 -45.48
C GLN B 61 25.91 12.47 -46.59
N GLY B 62 27.02 11.93 -47.10
CA GLY B 62 27.79 12.58 -48.16
C GLY B 62 26.95 12.78 -49.43
N LEU B 63 26.21 11.73 -49.82
CA LEU B 63 25.36 11.77 -51.00
C LEU B 63 24.26 12.82 -50.82
N LEU B 64 23.58 12.82 -49.67
CA LEU B 64 22.51 13.76 -49.39
C LEU B 64 23.02 15.19 -49.25
N ASP B 65 24.18 15.39 -48.57
CA ASP B 65 24.80 16.70 -48.47
C ASP B 65 25.10 17.28 -49.84
N ASN B 66 25.54 16.44 -50.80
CA ASN B 66 26.04 16.93 -52.07
C ASN B 66 25.00 16.93 -53.17
N ILE B 67 23.75 16.50 -52.88
CA ILE B 67 22.74 16.46 -53.91
C ILE B 67 22.32 17.88 -54.23
N ASP B 68 22.16 18.18 -55.54
CA ASP B 68 21.94 19.53 -56.03
C ASP B 68 20.68 20.09 -55.38
N SER B 69 20.78 21.37 -54.94
CA SER B 69 19.76 21.95 -54.07
C SER B 69 18.42 22.12 -54.81
N ARG B 70 18.49 22.25 -56.16
CA ARG B 70 17.34 22.34 -57.02
C ARG B 70 16.52 21.04 -57.09
N ILE B 71 17.16 19.87 -56.80
CA ILE B 71 16.47 18.59 -56.76
C ILE B 71 15.55 18.57 -55.53
N GLN B 72 14.27 18.26 -55.77
CA GLN B 72 13.23 18.21 -54.78
C GLN B 72 13.51 17.16 -53.70
N LEU B 73 12.91 17.37 -52.52
CA LEU B 73 13.18 16.57 -51.32
C LEU B 73 12.80 15.10 -51.55
N ARG B 74 11.60 14.89 -52.11
CA ARG B 74 11.09 13.57 -52.36
C ARG B 74 12.05 12.79 -53.28
N ASP B 75 12.50 13.45 -54.38
CA ASP B 75 13.37 12.83 -55.36
C ASP B 75 14.72 12.45 -54.76
N ALA B 76 15.27 13.34 -53.92
CA ALA B 76 16.54 13.14 -53.25
C ALA B 76 16.49 11.92 -52.32
N LEU B 77 15.40 11.80 -51.53
CA LEU B 77 15.20 10.70 -50.58
C LEU B 77 15.05 9.37 -51.33
N ARG B 78 14.21 9.34 -52.38
CA ARG B 78 14.04 8.13 -53.16
C ARG B 78 15.36 7.76 -53.86
N ALA B 79 16.05 8.75 -54.46
CA ALA B 79 17.34 8.48 -55.09
C ALA B 79 18.34 7.87 -54.10
N ALA B 80 18.45 8.47 -52.91
CA ALA B 80 19.40 8.04 -51.89
C ALA B 80 19.03 6.67 -51.31
N LEU B 81 17.76 6.44 -50.98
CA LEU B 81 17.26 5.15 -50.51
C LEU B 81 17.68 4.03 -51.47
N LEU B 82 17.43 4.19 -52.77
CA LEU B 82 17.68 3.11 -53.72
C LEU B 82 19.17 2.96 -54.06
N ALA B 83 19.98 4.03 -54.01
CA ALA B 83 21.41 3.94 -54.26
C ALA B 83 22.14 3.07 -53.23
N PHE B 84 21.84 3.20 -51.95
CA PHE B 84 22.56 2.46 -50.93
C PHE B 84 22.10 1.01 -50.85
N ASN B 85 20.95 0.67 -51.44
CA ASN B 85 20.43 -0.69 -51.39
C ASN B 85 20.38 -1.30 -52.80
N THR B 86 21.43 -1.09 -53.59
CA THR B 86 21.52 -1.81 -54.89
C THR B 86 22.71 -2.79 -54.79
N PHE B 87 22.58 -4.04 -55.24
CA PHE B 87 23.69 -5.02 -55.03
C PHE B 87 23.87 -6.01 -56.19
N ASP B 88 25.03 -6.70 -56.28
CA ASP B 88 25.30 -7.73 -57.34
C ASP B 88 24.67 -9.06 -56.94
N GLU B 89 24.80 -10.12 -57.76
CA GLU B 89 24.08 -11.33 -57.41
C GLU B 89 24.72 -11.94 -56.15
N SER B 90 26.07 -11.87 -56.06
CA SER B 90 26.86 -12.40 -54.95
C SER B 90 26.55 -11.69 -53.62
N GLU B 91 26.58 -10.34 -53.64
CA GLU B 91 26.46 -9.52 -52.45
C GLU B 91 25.00 -9.48 -51.97
N THR B 92 24.03 -9.67 -52.89
CA THR B 92 22.63 -9.83 -52.57
C THR B 92 22.38 -11.06 -51.69
N ILE B 93 23.09 -12.17 -51.92
CA ILE B 93 22.88 -13.41 -51.17
C ILE B 93 23.30 -13.21 -49.70
N ARG B 94 24.46 -12.57 -49.47
CA ARG B 94 24.96 -12.38 -48.11
C ARG B 94 24.15 -11.31 -47.39
N HIS B 95 23.62 -10.31 -48.13
CA HIS B 95 22.78 -9.27 -47.57
C HIS B 95 21.45 -9.87 -47.10
N ARG B 96 20.93 -10.85 -47.83
CA ARG B 96 19.70 -11.54 -47.43
C ARG B 96 19.90 -12.26 -46.09
N LYS B 97 21.03 -12.96 -45.92
CA LYS B 97 21.37 -13.63 -44.67
C LYS B 97 21.59 -12.62 -43.54
N ARG B 98 22.31 -11.53 -43.82
CA ARG B 98 22.62 -10.47 -42.86
C ARG B 98 21.33 -9.82 -42.34
N MET B 99 20.38 -9.51 -43.22
CA MET B 99 19.15 -8.83 -42.83
C MET B 99 18.23 -9.76 -42.04
N ARG B 100 18.17 -11.04 -42.40
CA ARG B 100 17.48 -12.05 -41.60
C ARG B 100 17.97 -12.06 -40.17
N VAL B 101 19.29 -12.12 -39.97
CA VAL B 101 19.91 -12.07 -38.65
C VAL B 101 19.52 -10.76 -37.95
N ILE B 102 19.66 -9.61 -38.63
CA ILE B 102 19.43 -8.32 -37.99
C ILE B 102 17.97 -8.19 -37.60
N LEU B 103 17.06 -8.44 -38.53
CA LEU B 103 15.63 -8.21 -38.32
C LEU B 103 15.01 -9.22 -37.36
N GLN B 104 15.46 -10.48 -37.37
CA GLN B 104 14.74 -11.56 -36.70
C GLN B 104 15.40 -11.98 -35.38
N THR B 105 16.63 -11.55 -35.03
CA THR B 105 17.30 -11.97 -33.80
C THR B 105 16.92 -11.10 -32.60
N PRO B 106 16.19 -11.59 -31.56
CA PRO B 106 15.86 -10.78 -30.38
C PRO B 106 17.00 -10.04 -29.68
N GLU B 107 18.18 -10.70 -29.61
CA GLU B 107 19.36 -10.20 -28.91
C GLU B 107 20.02 -9.03 -29.63
N LEU B 108 19.71 -8.81 -30.91
CA LEU B 108 20.28 -7.73 -31.71
C LEU B 108 19.45 -6.45 -31.70
N GLN B 109 18.25 -6.49 -31.13
CA GLN B 109 17.27 -5.43 -31.29
C GLN B 109 17.71 -4.18 -30.54
N ALA B 110 18.18 -4.31 -29.28
CA ALA B 110 18.70 -3.16 -28.54
C ALA B 110 19.74 -2.40 -29.36
N TYR B 111 20.76 -3.13 -29.87
CA TYR B 111 21.85 -2.57 -30.64
C TYR B 111 21.36 -1.99 -31.96
N SER B 112 20.51 -2.74 -32.67
CA SER B 112 19.86 -2.32 -33.91
C SER B 112 19.11 -0.98 -33.74
N MET B 113 18.42 -0.75 -32.61
CA MET B 113 17.71 0.50 -32.38
C MET B 113 18.65 1.70 -32.44
N THR B 114 19.88 1.54 -31.90
CA THR B 114 20.93 2.54 -31.98
C THR B 114 21.36 2.81 -33.42
N MET B 115 21.45 1.75 -34.24
CA MET B 115 21.82 1.87 -35.65
C MET B 115 20.72 2.57 -36.46
N TYR B 116 19.46 2.21 -36.22
CA TYR B 116 18.32 2.85 -36.87
C TYR B 116 18.25 4.33 -36.49
N ALA B 117 18.54 4.68 -35.23
CA ALA B 117 18.54 6.08 -34.80
C ALA B 117 19.64 6.89 -35.50
N GLY B 118 20.80 6.26 -35.76
CA GLY B 118 21.87 6.82 -36.57
C GLY B 118 21.42 7.15 -37.99
N TRP B 119 20.72 6.19 -38.60
CA TRP B 119 20.20 6.32 -39.95
C TRP B 119 19.16 7.44 -40.02
N ARG B 120 18.17 7.40 -39.13
CA ARG B 120 17.21 8.49 -38.98
C ARG B 120 17.87 9.84 -38.72
N GLU B 121 18.99 9.89 -37.98
CA GLU B 121 19.70 11.15 -37.78
C GLU B 121 20.22 11.71 -39.11
N VAL B 122 20.71 10.85 -40.01
CA VAL B 122 21.20 11.30 -41.30
C VAL B 122 20.05 11.90 -42.13
N ILE B 123 18.91 11.21 -42.16
CA ILE B 123 17.74 11.65 -42.92
C ILE B 123 17.23 13.00 -42.40
N ALA B 124 17.08 13.09 -41.06
CA ALA B 124 16.56 14.29 -40.44
C ALA B 124 17.50 15.49 -40.63
N LYS B 125 18.83 15.26 -40.54
CA LYS B 125 19.84 16.29 -40.81
C LYS B 125 19.66 16.86 -42.21
N PHE B 126 19.44 15.98 -43.20
CA PHE B 126 19.24 16.37 -44.59
C PHE B 126 18.02 17.28 -44.76
N VAL B 127 16.91 16.94 -44.11
CA VAL B 127 15.67 17.71 -44.17
C VAL B 127 15.89 19.06 -43.50
N ALA B 128 16.55 19.07 -42.32
CA ALA B 128 16.84 20.29 -41.57
C ALA B 128 17.72 21.20 -42.46
N ARG B 129 18.73 20.63 -43.16
CA ARG B 129 19.59 21.37 -44.08
C ARG B 129 18.77 22.05 -45.19
N ARG B 130 17.71 21.40 -45.71
CA ARG B 130 16.90 21.99 -46.78
C ARG B 130 15.81 22.94 -46.27
N SER B 131 15.36 22.79 -45.02
CA SER B 131 14.29 23.58 -44.45
C SER B 131 14.91 24.51 -43.40
N GLY B 132 14.15 25.00 -42.42
CA GLY B 132 14.72 25.53 -41.20
C GLY B 132 15.53 24.50 -40.40
N GLY B 133 16.42 25.02 -39.52
CA GLY B 133 17.30 24.19 -38.73
C GLY B 133 16.58 23.41 -37.62
N LYS B 134 17.26 22.39 -37.10
CA LYS B 134 16.98 21.63 -35.88
C LYS B 134 16.41 20.24 -36.26
N THR B 135 17.36 19.28 -36.26
CA THR B 135 17.21 17.84 -36.51
C THR B 135 16.04 17.24 -35.73
N THR B 136 15.83 17.73 -34.49
CA THR B 136 14.81 17.24 -33.57
C THR B 136 13.42 17.84 -33.81
N ASP B 137 13.25 18.77 -34.77
CA ASP B 137 11.93 19.32 -35.07
C ASP B 137 11.02 18.22 -35.59
N PHE B 138 9.72 18.49 -35.58
CA PHE B 138 8.73 17.45 -35.84
C PHE B 138 8.84 16.87 -37.26
N MET B 139 8.88 17.74 -38.27
CA MET B 139 8.86 17.39 -39.67
C MET B 139 10.11 16.57 -40.07
N PRO B 140 11.38 17.01 -39.87
CA PRO B 140 12.53 16.14 -40.10
C PRO B 140 12.48 14.73 -39.48
N GLN B 141 11.90 14.67 -38.29
CA GLN B 141 11.83 13.48 -37.43
C GLN B 141 10.79 12.54 -38.02
N THR B 142 9.61 13.10 -38.38
CA THR B 142 8.53 12.36 -39.02
C THR B 142 9.00 11.81 -40.38
N VAL B 143 9.75 12.60 -41.15
CA VAL B 143 10.25 12.17 -42.43
C VAL B 143 11.26 11.01 -42.23
N ALA B 144 12.12 11.11 -41.20
CA ALA B 144 13.11 10.06 -40.93
C ALA B 144 12.46 8.74 -40.53
N TRP B 145 11.46 8.80 -39.66
CA TRP B 145 10.70 7.63 -39.20
C TRP B 145 9.89 7.01 -40.34
N THR B 146 9.26 7.87 -41.15
CA THR B 146 8.52 7.44 -42.32
C THR B 146 9.43 6.65 -43.27
N MET B 147 10.60 7.21 -43.57
CA MET B 147 11.63 6.59 -44.37
C MET B 147 12.08 5.26 -43.77
N LEU B 148 12.19 5.18 -42.44
CA LEU B 148 12.57 3.93 -41.78
C LEU B 148 11.50 2.87 -41.97
N GLY B 149 10.23 3.25 -41.78
CA GLY B 149 9.09 2.37 -42.05
C GLY B 149 9.07 1.84 -43.48
N VAL B 150 9.26 2.74 -44.45
CA VAL B 150 9.37 2.39 -45.86
C VAL B 150 10.42 1.29 -46.05
N ALA B 151 11.62 1.52 -45.51
CA ALA B 151 12.74 0.63 -45.69
C ALA B 151 12.45 -0.75 -45.06
N LEU B 152 11.96 -0.79 -43.80
CA LEU B 152 11.72 -2.06 -43.12
C LEU B 152 10.59 -2.85 -43.80
N SER B 153 9.56 -2.15 -44.25
CA SER B 153 8.51 -2.73 -45.06
C SER B 153 9.08 -3.42 -46.31
N ALA B 154 9.98 -2.73 -47.02
CA ALA B 154 10.59 -3.23 -48.24
C ALA B 154 11.48 -4.45 -47.95
N TYR B 155 12.31 -4.34 -46.90
CA TYR B 155 13.17 -5.43 -46.46
C TYR B 155 12.35 -6.66 -46.10
N GLU B 156 11.22 -6.50 -45.41
CA GLU B 156 10.42 -7.65 -45.02
C GLU B 156 9.72 -8.29 -46.21
N HIS B 157 9.21 -7.48 -47.14
CA HIS B 157 8.61 -7.99 -48.37
C HIS B 157 9.63 -8.80 -49.17
N TRP B 158 10.85 -8.27 -49.25
CA TRP B 158 11.97 -8.90 -49.92
C TRP B 158 12.35 -10.25 -49.33
N LEU B 159 12.45 -10.33 -47.99
CA LEU B 159 12.76 -11.57 -47.27
C LEU B 159 11.63 -12.60 -47.38
N ARG B 160 10.36 -12.18 -47.37
CA ARG B 160 9.21 -13.08 -47.48
C ARG B 160 9.16 -13.76 -48.85
N ASP B 161 9.55 -13.04 -49.90
CA ASP B 161 9.37 -13.40 -51.29
C ASP B 161 10.71 -13.24 -52.01
N GLU B 162 11.37 -14.36 -52.33
CA GLU B 162 12.71 -14.38 -52.91
C GLU B 162 12.73 -13.94 -54.38
N SER B 163 11.55 -13.84 -55.04
CA SER B 163 11.44 -13.39 -56.43
C SER B 163 11.37 -11.86 -56.60
N VAL B 164 11.52 -11.08 -55.51
CA VAL B 164 11.33 -9.64 -55.57
C VAL B 164 12.70 -8.98 -55.61
N SER B 165 12.83 -7.94 -56.45
CA SER B 165 13.94 -7.02 -56.41
C SER B 165 13.84 -6.12 -55.17
N LEU B 166 14.94 -6.00 -54.41
CA LEU B 166 15.00 -5.10 -53.27
C LEU B 166 14.71 -3.65 -53.68
N THR B 167 15.34 -3.15 -54.77
CA THR B 167 15.14 -1.76 -55.20
C THR B 167 13.71 -1.51 -55.70
N GLU B 168 13.07 -2.51 -56.33
CA GLU B 168 11.67 -2.39 -56.70
C GLU B 168 10.79 -2.35 -55.43
N ALA B 169 11.10 -3.20 -54.43
CA ALA B 169 10.40 -3.21 -53.14
C ALA B 169 10.50 -1.85 -52.43
N LEU B 170 11.72 -1.29 -52.34
CA LEU B 170 11.95 0.03 -51.79
C LEU B 170 11.24 1.13 -52.58
N GLY B 171 11.30 1.04 -53.92
CA GLY B 171 10.63 2.01 -54.76
C GLY B 171 9.11 2.02 -54.58
N ALA B 172 8.54 0.81 -54.48
CA ALA B 172 7.10 0.64 -54.29
C ALA B 172 6.67 1.18 -52.92
N ALA B 173 7.44 0.79 -51.87
CA ALA B 173 7.17 1.24 -50.51
C ALA B 173 7.29 2.77 -50.40
N PHE B 174 8.34 3.33 -51.00
CA PHE B 174 8.50 4.78 -51.07
C PHE B 174 7.30 5.46 -51.71
N ASP B 175 6.80 4.88 -52.78
CA ASP B 175 5.78 5.54 -53.61
C ASP B 175 4.43 5.62 -52.91
N VAL B 176 4.13 4.67 -52.02
CA VAL B 176 2.93 4.71 -51.21
C VAL B 176 2.92 6.02 -50.41
N VAL B 177 4.02 6.24 -49.73
CA VAL B 177 4.26 7.33 -48.81
C VAL B 177 4.51 8.64 -49.58
N GLY B 178 5.12 8.54 -50.78
CA GLY B 178 5.32 9.70 -51.64
C GLY B 178 4.00 10.27 -52.15
N ALA B 179 3.16 9.37 -52.68
CA ALA B 179 1.79 9.66 -53.10
C ALA B 179 0.93 10.13 -51.92
N GLY B 180 1.05 9.43 -50.80
CA GLY B 180 0.37 9.75 -49.54
C GLY B 180 -0.77 8.77 -49.25
N LEU B 181 -1.15 8.66 -47.97
CA LEU B 181 -2.17 7.71 -47.52
C LEU B 181 -3.56 8.17 -47.95
N ASP B 182 -3.77 9.49 -48.15
CA ASP B 182 -4.98 10.06 -48.77
C ASP B 182 -5.33 9.45 -50.14
N ARG B 183 -4.41 8.71 -50.81
CA ARG B 183 -4.61 8.13 -52.14
C ARG B 183 -4.32 6.62 -52.11
N LEU B 184 -5.09 5.88 -51.31
CA LEU B 184 -4.90 4.41 -51.17
C LEU B 184 -3.54 4.14 -50.50
N THR C 1 -5.70 -7.99 -8.35
CA THR C 1 -6.16 -9.10 -9.24
C THR C 1 -6.03 -8.66 -10.70
N THR C 2 -5.38 -7.52 -10.96
CA THR C 2 -5.26 -7.04 -12.34
C THR C 2 -3.82 -6.96 -12.89
N PRO C 3 -3.61 -7.45 -14.14
CA PRO C 3 -2.45 -7.09 -14.96
C PRO C 3 -2.09 -5.61 -14.99
N HIS C 4 -3.12 -4.75 -15.10
CA HIS C 4 -2.99 -3.31 -15.15
C HIS C 4 -2.37 -2.79 -13.84
N HIS C 5 -2.82 -3.30 -12.69
CA HIS C 5 -2.32 -2.85 -11.39
C HIS C 5 -0.83 -3.17 -11.27
N ILE C 6 -0.45 -4.41 -11.67
CA ILE C 6 0.93 -4.85 -11.69
C ILE C 6 1.78 -3.92 -12.56
N SER C 7 1.28 -3.63 -13.77
CA SER C 7 1.98 -2.81 -14.73
C SER C 7 2.19 -1.41 -14.17
N ASP C 8 1.11 -0.82 -13.62
CA ASP C 8 1.15 0.55 -13.12
C ASP C 8 2.23 0.71 -12.04
N VAL C 9 2.19 -0.22 -11.07
CA VAL C 9 3.16 -0.29 -9.98
C VAL C 9 4.58 -0.45 -10.54
N ALA C 10 4.77 -1.38 -11.48
CA ALA C 10 6.07 -1.62 -12.11
C ALA C 10 6.62 -0.38 -12.81
N ILE C 11 5.76 0.41 -13.47
CA ILE C 11 6.20 1.59 -14.19
C ILE C 11 6.66 2.70 -13.22
N GLU C 12 5.95 2.85 -12.07
CA GLU C 12 6.34 3.79 -11.03
C GLU C 12 7.75 3.46 -10.53
N LEU C 13 7.99 2.15 -10.29
CA LEU C 13 9.29 1.67 -9.83
C LEU C 13 10.36 1.87 -10.90
N PHE C 14 10.07 1.54 -12.17
CA PHE C 14 11.05 1.66 -13.23
C PHE C 14 11.41 3.14 -13.49
N ALA C 15 10.41 4.04 -13.44
CA ALA C 15 10.64 5.48 -13.49
C ALA C 15 11.58 6.00 -12.38
N ALA C 16 11.36 5.59 -11.12
CA ALA C 16 12.12 6.10 -9.97
C ALA C 16 13.53 5.52 -9.91
N HIS C 17 13.68 4.20 -10.07
CA HIS C 17 14.95 3.49 -9.86
C HIS C 17 15.62 2.99 -11.13
N GLY C 18 15.06 3.15 -12.33
CA GLY C 18 15.58 2.40 -13.47
C GLY C 18 15.13 0.93 -13.48
N PHE C 19 15.31 0.31 -14.65
CA PHE C 19 14.65 -0.95 -15.00
C PHE C 19 15.44 -2.09 -14.38
N THR C 20 16.77 -2.03 -14.56
CA THR C 20 17.69 -3.12 -14.22
C THR C 20 17.75 -3.29 -12.68
N ASP C 21 17.65 -2.18 -11.91
CA ASP C 21 17.68 -2.19 -10.45
C ASP C 21 16.34 -2.55 -9.77
N VAL C 22 15.26 -2.81 -10.53
CA VAL C 22 13.98 -3.21 -9.98
C VAL C 22 13.82 -4.71 -10.24
N SER C 23 13.58 -5.46 -9.16
CA SER C 23 13.41 -6.93 -9.24
C SER C 23 11.95 -7.29 -9.45
N VAL C 24 11.67 -8.55 -9.80
CA VAL C 24 10.30 -8.98 -9.94
C VAL C 24 9.61 -9.09 -8.58
N ASP C 25 10.39 -9.29 -7.51
CA ASP C 25 9.86 -9.33 -6.11
C ASP C 25 9.46 -7.90 -5.71
N ASP C 26 10.29 -6.93 -6.06
CA ASP C 26 9.97 -5.51 -5.76
C ASP C 26 8.60 -5.18 -6.37
N ILE C 27 8.31 -5.72 -7.55
CA ILE C 27 7.04 -5.46 -8.22
C ILE C 27 5.88 -6.20 -7.54
N ALA C 28 6.09 -7.49 -7.23
CA ALA C 28 5.09 -8.30 -6.54
C ALA C 28 4.74 -7.70 -5.17
N ARG C 29 5.74 -7.21 -4.44
CA ARG C 29 5.59 -6.63 -3.12
C ARG C 29 4.80 -5.33 -3.22
N ALA C 30 5.19 -4.43 -4.11
CA ALA C 30 4.52 -3.16 -4.32
C ALA C 30 3.08 -3.34 -4.81
N ALA C 31 2.82 -4.41 -5.60
CA ALA C 31 1.50 -4.76 -6.12
C ALA C 31 0.66 -5.57 -5.13
N GLY C 32 1.27 -6.07 -4.04
CA GLY C 32 0.56 -6.78 -2.99
C GLY C 32 0.15 -8.20 -3.43
N ILE C 33 1.04 -8.89 -4.17
CA ILE C 33 0.80 -10.24 -4.68
C ILE C 33 2.02 -11.12 -4.41
N ALA C 34 1.81 -12.44 -4.38
CA ALA C 34 2.90 -13.40 -4.45
C ALA C 34 3.61 -13.33 -5.80
N ARG C 35 4.88 -13.73 -5.82
CA ARG C 35 5.73 -13.72 -7.01
C ARG C 35 5.13 -14.59 -8.11
N ARG C 36 4.58 -15.74 -7.75
CA ARG C 36 3.96 -16.66 -8.74
C ARG C 36 2.71 -16.02 -9.34
N THR C 37 1.93 -15.31 -8.54
CA THR C 37 0.73 -14.64 -9.04
C THR C 37 1.07 -13.68 -10.18
N LEU C 38 2.20 -12.97 -10.07
CA LEU C 38 2.67 -12.09 -11.12
C LEU C 38 2.89 -12.87 -12.44
N PHE C 39 3.41 -14.11 -12.35
CA PHE C 39 3.75 -14.90 -13.54
C PHE C 39 2.52 -15.47 -14.26
N ARG C 40 1.35 -15.45 -13.62
CA ARG C 40 0.08 -15.78 -14.27
C ARG C 40 -0.19 -14.78 -15.38
N TYR C 41 0.15 -13.51 -15.14
CA TYR C 41 -0.15 -12.40 -16.05
C TYR C 41 1.02 -12.04 -16.96
N TYR C 42 2.28 -12.33 -16.56
CA TYR C 42 3.47 -11.87 -17.28
C TYR C 42 4.54 -12.96 -17.25
N ALA C 43 5.19 -13.25 -18.36
CA ALA C 43 6.18 -14.34 -18.30
C ALA C 43 7.57 -13.76 -18.32
N SER C 44 7.73 -12.60 -17.70
CA SER C 44 8.99 -11.89 -17.90
C SER C 44 8.84 -10.49 -17.30
N LYS C 45 9.96 -9.92 -16.84
CA LYS C 45 10.00 -8.55 -16.38
C LYS C 45 9.78 -7.58 -17.56
N ASN C 46 10.40 -7.91 -18.70
CA ASN C 46 10.34 -7.16 -19.95
C ASN C 46 8.92 -7.02 -20.48
N ALA C 47 8.02 -8.00 -20.21
CA ALA C 47 6.62 -7.97 -20.62
C ALA C 47 5.79 -6.91 -19.85
N ILE C 48 6.23 -6.55 -18.63
CA ILE C 48 5.37 -5.88 -17.65
C ILE C 48 4.98 -4.47 -18.08
N PRO C 49 5.90 -3.61 -18.61
CA PRO C 49 5.52 -2.27 -19.07
C PRO C 49 4.42 -2.22 -20.14
N TRP C 50 4.29 -3.31 -20.90
CA TRP C 50 3.27 -3.44 -21.93
C TRP C 50 1.90 -3.85 -21.43
N GLY C 51 1.70 -4.10 -20.13
CA GLY C 51 0.35 -4.27 -19.61
C GLY C 51 -0.42 -5.36 -20.36
N ASP C 52 -1.73 -5.15 -20.58
CA ASP C 52 -2.59 -6.07 -21.31
C ASP C 52 -2.77 -5.55 -22.74
N PHE C 53 -1.68 -5.62 -23.51
CA PHE C 53 -1.64 -5.14 -24.89
C PHE C 53 -2.53 -6.00 -25.81
N SER C 54 -2.60 -7.32 -25.52
CA SER C 54 -3.51 -8.25 -26.20
C SER C 54 -4.93 -7.69 -26.25
N THR C 55 -5.39 -7.12 -25.12
CA THR C 55 -6.72 -6.52 -24.99
C THR C 55 -6.79 -5.18 -25.72
N HIS C 56 -5.75 -4.35 -25.64
CA HIS C 56 -5.71 -3.13 -26.45
C HIS C 56 -5.83 -3.46 -27.94
N LEU C 57 -5.15 -4.50 -28.44
CA LEU C 57 -5.24 -4.91 -29.85
C LEU C 57 -6.62 -5.44 -30.20
N ALA C 58 -7.28 -6.18 -29.29
CA ALA C 58 -8.66 -6.65 -29.52
C ALA C 58 -9.63 -5.47 -29.60
N GLN C 59 -9.42 -4.43 -28.77
CA GLN C 59 -10.28 -3.26 -28.76
C GLN C 59 -10.01 -2.37 -30.00
N LEU C 60 -8.76 -2.24 -30.47
CA LEU C 60 -8.45 -1.65 -31.77
C LEU C 60 -9.16 -2.39 -32.91
N GLN C 61 -9.11 -3.72 -32.93
CA GLN C 61 -9.89 -4.51 -33.87
C GLN C 61 -11.39 -4.19 -33.74
N GLY C 62 -11.91 -4.10 -32.52
CA GLY C 62 -13.31 -3.74 -32.30
C GLY C 62 -13.70 -2.38 -32.89
N LEU C 63 -12.83 -1.38 -32.66
CA LEU C 63 -13.04 -0.03 -33.17
C LEU C 63 -13.04 -0.06 -34.72
N LEU C 64 -12.06 -0.75 -35.33
CA LEU C 64 -11.96 -0.84 -36.79
C LEU C 64 -13.12 -1.67 -37.38
N ASP C 65 -13.51 -2.78 -36.74
CA ASP C 65 -14.69 -3.54 -37.15
C ASP C 65 -15.95 -2.67 -37.18
N ASN C 66 -16.10 -1.76 -36.22
CA ASN C 66 -17.32 -0.98 -36.07
C ASN C 66 -17.29 0.37 -36.83
N ILE C 67 -16.20 0.72 -37.51
CA ILE C 67 -16.20 1.91 -38.35
C ILE C 67 -17.04 1.61 -39.60
N ASP C 68 -17.87 2.56 -39.99
CA ASP C 68 -18.79 2.38 -41.11
C ASP C 68 -17.95 2.23 -42.39
N SER C 69 -18.39 1.36 -43.30
CA SER C 69 -17.67 1.05 -44.52
C SER C 69 -17.60 2.25 -45.47
N ARG C 70 -18.57 3.17 -45.38
CA ARG C 70 -18.57 4.41 -46.14
C ARG C 70 -17.48 5.41 -45.68
N ILE C 71 -16.97 5.28 -44.44
CA ILE C 71 -15.87 6.11 -43.96
C ILE C 71 -14.59 5.69 -44.71
N GLN C 72 -13.93 6.71 -45.30
CA GLN C 72 -12.75 6.56 -46.13
C GLN C 72 -11.62 5.91 -45.35
N LEU C 73 -10.69 5.21 -46.04
CA LEU C 73 -9.65 4.43 -45.40
C LEU C 73 -8.71 5.35 -44.63
N ARG C 74 -8.33 6.47 -45.21
CA ARG C 74 -7.44 7.43 -44.52
C ARG C 74 -8.09 7.93 -43.23
N ASP C 75 -9.36 8.34 -43.31
CA ASP C 75 -10.06 8.85 -42.12
C ASP C 75 -10.15 7.79 -41.01
N ALA C 76 -10.42 6.54 -41.39
CA ALA C 76 -10.52 5.42 -40.46
C ALA C 76 -9.17 5.17 -39.75
N LEU C 77 -8.06 5.19 -40.52
CA LEU C 77 -6.71 4.98 -39.99
C LEU C 77 -6.34 6.11 -39.04
N ARG C 78 -6.54 7.37 -39.45
CA ARG C 78 -6.27 8.51 -38.58
C ARG C 78 -7.14 8.48 -37.33
N ALA C 79 -8.45 8.20 -37.48
CA ALA C 79 -9.36 8.09 -36.34
C ALA C 79 -8.87 7.00 -35.37
N ALA C 80 -8.49 5.82 -35.89
CA ALA C 80 -8.07 4.70 -35.05
C ALA C 80 -6.72 4.96 -34.38
N LEU C 81 -5.74 5.51 -35.12
CA LEU C 81 -4.46 5.91 -34.58
C LEU C 81 -4.65 6.81 -33.37
N LEU C 82 -5.48 7.87 -33.48
CA LEU C 82 -5.60 8.84 -32.39
C LEU C 82 -6.44 8.29 -31.24
N ALA C 83 -7.46 7.46 -31.50
CA ALA C 83 -8.29 6.86 -30.47
C ALA C 83 -7.51 5.84 -29.64
N PHE C 84 -6.70 5.00 -30.30
CA PHE C 84 -5.86 3.97 -29.68
C PHE C 84 -4.82 4.57 -28.72
N ASN C 85 -4.46 5.86 -28.89
CA ASN C 85 -3.51 6.54 -28.03
C ASN C 85 -4.20 7.64 -27.23
N THR C 86 -5.56 7.62 -27.09
CA THR C 86 -6.23 8.58 -26.21
C THR C 86 -6.53 7.91 -24.88
N PHE C 87 -6.09 8.61 -23.82
CA PHE C 87 -6.15 8.12 -22.46
C PHE C 87 -6.85 9.21 -21.66
N ASP C 88 -7.65 8.78 -20.67
CA ASP C 88 -8.37 9.65 -19.73
C ASP C 88 -7.40 10.65 -19.08
N GLU C 89 -7.93 11.77 -18.57
CA GLU C 89 -7.13 12.66 -17.73
C GLU C 89 -6.46 11.86 -16.61
N SER C 90 -7.15 10.84 -16.06
CA SER C 90 -6.65 9.84 -15.12
C SER C 90 -5.22 9.34 -15.43
N GLU C 91 -4.92 9.09 -16.71
CA GLU C 91 -3.88 8.19 -17.14
C GLU C 91 -2.81 8.89 -17.98
N THR C 92 -2.85 10.22 -18.18
CA THR C 92 -1.86 10.91 -19.01
C THR C 92 -0.46 10.82 -18.39
N ILE C 93 -0.40 10.99 -17.06
CA ILE C 93 0.85 11.03 -16.33
C ILE C 93 1.50 9.64 -16.34
N ARG C 94 0.73 8.57 -16.12
CA ARG C 94 1.29 7.23 -16.08
C ARG C 94 1.70 6.76 -17.50
N HIS C 95 0.98 7.24 -18.54
CA HIS C 95 1.31 6.91 -19.91
C HIS C 95 2.62 7.56 -20.33
N ARG C 96 2.89 8.78 -19.84
CA ARG C 96 4.16 9.45 -20.11
C ARG C 96 5.32 8.62 -19.54
N LYS C 97 5.18 8.13 -18.29
CA LYS C 97 6.21 7.33 -17.64
C LYS C 97 6.39 5.98 -18.35
N ARG C 98 5.26 5.34 -18.71
CA ARG C 98 5.24 4.06 -19.41
C ARG C 98 5.98 4.13 -20.74
N MET C 99 5.73 5.18 -21.54
CA MET C 99 6.32 5.30 -22.87
C MET C 99 7.81 5.61 -22.78
N ARG C 100 8.23 6.43 -21.78
CA ARG C 100 9.64 6.64 -21.51
C ARG C 100 10.38 5.32 -21.28
N VAL C 101 9.86 4.48 -20.38
CA VAL C 101 10.41 3.15 -20.11
C VAL C 101 10.44 2.32 -21.41
N ILE C 102 9.31 2.25 -22.15
CA ILE C 102 9.22 1.38 -23.32
C ILE C 102 10.21 1.84 -24.40
N LEU C 103 10.17 3.14 -24.73
CA LEU C 103 10.94 3.68 -25.84
C LEU C 103 12.45 3.70 -25.54
N GLN C 104 12.84 3.97 -24.28
CA GLN C 104 14.23 4.33 -23.98
C GLN C 104 15.02 3.18 -23.34
N THR C 105 14.40 2.07 -22.88
CA THR C 105 15.12 1.02 -22.18
C THR C 105 15.63 -0.04 -23.15
N PRO C 106 16.97 -0.25 -23.34
CA PRO C 106 17.49 -1.30 -24.23
C PRO C 106 16.92 -2.72 -24.06
N GLU C 107 16.69 -3.12 -22.79
CA GLU C 107 16.19 -4.44 -22.40
C GLU C 107 14.74 -4.71 -22.85
N LEU C 108 13.96 -3.67 -23.23
CA LEU C 108 12.57 -3.81 -23.63
C LEU C 108 12.40 -3.95 -25.14
N GLN C 109 13.47 -3.73 -25.91
CA GLN C 109 13.36 -3.55 -27.37
C GLN C 109 12.98 -4.88 -28.05
N ALA C 110 13.62 -6.00 -27.69
CA ALA C 110 13.24 -7.31 -28.25
C ALA C 110 11.75 -7.57 -28.07
N TYR C 111 11.26 -7.39 -26.82
CA TYR C 111 9.86 -7.63 -26.50
C TYR C 111 8.92 -6.65 -27.22
N SER C 112 9.31 -5.36 -27.19
CA SER C 112 8.62 -4.30 -27.90
C SER C 112 8.43 -4.58 -29.38
N MET C 113 9.45 -5.17 -30.06
CA MET C 113 9.35 -5.48 -31.49
C MET C 113 8.17 -6.40 -31.77
N THR C 114 7.95 -7.38 -30.88
CA THR C 114 6.83 -8.31 -30.94
C THR C 114 5.48 -7.59 -30.80
N MET C 115 5.42 -6.59 -29.91
CA MET C 115 4.20 -5.82 -29.68
C MET C 115 3.89 -4.91 -30.88
N TYR C 116 4.92 -4.25 -31.43
CA TYR C 116 4.75 -3.43 -32.62
C TYR C 116 4.28 -4.29 -33.80
N ALA C 117 4.81 -5.52 -33.94
CA ALA C 117 4.40 -6.43 -35.02
C ALA C 117 2.93 -6.83 -34.91
N GLY C 118 2.46 -7.00 -33.65
CA GLY C 118 1.06 -7.24 -33.36
C GLY C 118 0.16 -6.11 -33.84
N TRP C 119 0.58 -4.88 -33.50
CA TRP C 119 -0.15 -3.67 -33.86
C TRP C 119 -0.21 -3.52 -35.39
N ARG C 120 0.96 -3.59 -36.04
CA ARG C 120 1.02 -3.58 -37.50
C ARG C 120 0.17 -4.67 -38.13
N GLU C 121 0.06 -5.86 -37.51
CA GLU C 121 -0.81 -6.91 -38.05
C GLU C 121 -2.28 -6.46 -38.06
N VAL C 122 -2.72 -5.76 -37.01
CA VAL C 122 -4.11 -5.29 -36.93
C VAL C 122 -4.38 -4.27 -38.04
N ILE C 123 -3.45 -3.32 -38.20
CA ILE C 123 -3.55 -2.26 -39.20
C ILE C 123 -3.57 -2.86 -40.61
N ALA C 124 -2.63 -3.77 -40.90
CA ALA C 124 -2.51 -4.41 -42.21
C ALA C 124 -3.77 -5.21 -42.56
N LYS C 125 -4.33 -5.97 -41.59
CA LYS C 125 -5.57 -6.72 -41.76
C LYS C 125 -6.70 -5.78 -42.22
N PHE C 126 -6.82 -4.63 -41.52
CA PHE C 126 -7.87 -3.66 -41.81
C PHE C 126 -7.75 -3.09 -43.24
N VAL C 127 -6.53 -2.77 -43.65
CA VAL C 127 -6.25 -2.21 -44.96
C VAL C 127 -6.55 -3.26 -46.04
N ALA C 128 -6.10 -4.52 -45.82
CA ALA C 128 -6.37 -5.62 -46.72
C ALA C 128 -7.89 -5.80 -46.84
N ARG C 129 -8.65 -5.75 -45.73
CA ARG C 129 -10.11 -5.83 -45.75
C ARG C 129 -10.74 -4.71 -46.62
N ARG C 130 -10.19 -3.49 -46.66
CA ARG C 130 -10.74 -2.42 -47.48
C ARG C 130 -10.24 -2.43 -48.92
N SER C 131 -9.09 -3.04 -49.21
CA SER C 131 -8.47 -3.09 -50.53
C SER C 131 -8.57 -4.55 -50.99
N GLY C 132 -7.77 -5.00 -51.95
CA GLY C 132 -7.54 -6.44 -52.13
C GLY C 132 -7.02 -7.16 -50.90
N GLY C 133 -7.46 -8.41 -50.70
CA GLY C 133 -7.11 -9.20 -49.52
C GLY C 133 -5.67 -9.68 -49.51
N LYS C 134 -5.17 -10.14 -48.33
CA LYS C 134 -3.77 -10.66 -48.14
C LYS C 134 -2.96 -9.75 -47.21
N THR C 135 -3.03 -9.98 -45.90
CA THR C 135 -2.34 -9.19 -44.87
C THR C 135 -0.85 -8.95 -45.19
N THR C 136 -0.20 -9.96 -45.79
CA THR C 136 1.22 -9.93 -46.11
C THR C 136 1.53 -9.26 -47.45
N ASP C 137 0.53 -8.78 -48.21
CA ASP C 137 0.78 -8.06 -49.44
C ASP C 137 1.56 -6.78 -49.14
N PHE C 138 2.28 -6.34 -50.18
CA PHE C 138 3.00 -5.06 -50.05
C PHE C 138 1.94 -3.99 -50.18
N MET C 139 1.92 -3.03 -49.28
CA MET C 139 1.02 -1.89 -49.28
C MET C 139 0.17 -1.98 -48.02
N PRO C 140 -0.68 -2.99 -47.74
CA PRO C 140 -1.28 -3.12 -46.41
C PRO C 140 -0.20 -3.76 -45.57
N GLN C 141 0.84 -3.01 -45.22
CA GLN C 141 2.11 -3.55 -44.71
C GLN C 141 3.09 -2.36 -44.67
N THR C 142 3.27 -1.69 -45.84
CA THR C 142 3.85 -0.35 -45.92
C THR C 142 3.02 0.66 -45.14
N VAL C 143 1.69 0.59 -45.22
CA VAL C 143 0.82 1.46 -44.47
C VAL C 143 1.00 1.21 -42.98
N ALA C 144 1.11 -0.05 -42.54
CA ALA C 144 1.21 -0.39 -41.13
C ALA C 144 2.55 0.12 -40.56
N TRP C 145 3.66 -0.08 -41.30
CA TRP C 145 4.99 0.39 -40.93
C TRP C 145 5.08 1.91 -40.88
N THR C 146 4.50 2.54 -41.89
CA THR C 146 4.44 3.98 -42.01
C THR C 146 3.72 4.56 -40.80
N MET C 147 2.55 3.99 -40.49
CA MET C 147 1.76 4.38 -39.34
C MET C 147 2.49 4.14 -38.01
N LEU C 148 3.29 3.08 -37.92
CA LEU C 148 4.13 2.87 -36.74
C LEU C 148 5.18 3.97 -36.63
N GLY C 149 5.87 4.31 -37.73
CA GLY C 149 6.85 5.39 -37.72
C GLY C 149 6.25 6.76 -37.33
N VAL C 150 5.07 7.08 -37.88
CA VAL C 150 4.30 8.25 -37.52
C VAL C 150 4.08 8.29 -36.00
N ALA C 151 3.60 7.17 -35.42
CA ALA C 151 3.30 7.04 -34.02
C ALA C 151 4.53 7.28 -33.16
N LEU C 152 5.66 6.63 -33.48
CA LEU C 152 6.86 6.73 -32.65
C LEU C 152 7.47 8.12 -32.74
N SER C 153 7.42 8.73 -33.93
CA SER C 153 7.77 10.12 -34.11
C SER C 153 6.97 11.04 -33.19
N ALA C 154 5.65 10.82 -33.12
CA ALA C 154 4.73 11.60 -32.31
C ALA C 154 5.03 11.42 -30.81
N TYR C 155 5.21 10.14 -30.40
CA TYR C 155 5.57 9.81 -29.04
C TYR C 155 6.87 10.46 -28.62
N GLU C 156 7.88 10.48 -29.49
CA GLU C 156 9.16 11.07 -29.11
C GLU C 156 9.07 12.59 -29.01
N HIS C 157 8.35 13.23 -29.92
CA HIS C 157 8.11 14.66 -29.85
C HIS C 157 7.37 15.04 -28.57
N TRP C 158 6.37 14.24 -28.21
CA TRP C 158 5.60 14.38 -26.99
C TRP C 158 6.43 14.27 -25.71
N LEU C 159 7.32 13.26 -25.63
CA LEU C 159 8.22 13.08 -24.49
C LEU C 159 9.28 14.19 -24.40
N ARG C 160 9.80 14.66 -25.54
CA ARG C 160 10.86 15.64 -25.58
C ARG C 160 10.36 17.01 -25.12
N ASP C 161 9.08 17.32 -25.39
CA ASP C 161 8.46 18.61 -25.17
C ASP C 161 7.11 18.34 -24.49
N GLU C 162 6.98 18.69 -23.20
CA GLU C 162 5.81 18.35 -22.40
C GLU C 162 4.59 19.22 -22.74
N SER C 163 4.79 20.33 -23.50
CA SER C 163 3.74 21.23 -23.95
C SER C 163 3.07 20.80 -25.26
N VAL C 164 3.28 19.57 -25.73
CA VAL C 164 2.63 19.03 -26.91
C VAL C 164 1.46 18.16 -26.45
N SER C 165 0.31 18.29 -27.12
CA SER C 165 -0.75 17.29 -27.02
C SER C 165 -0.34 16.04 -27.82
N LEU C 166 -0.50 14.85 -27.25
CA LEU C 166 -0.19 13.60 -27.93
C LEU C 166 -1.04 13.42 -29.19
N THR C 167 -2.36 13.69 -29.09
CA THR C 167 -3.27 13.52 -30.23
C THR C 167 -3.00 14.55 -31.33
N GLU C 168 -2.60 15.76 -30.96
CA GLU C 168 -2.17 16.75 -31.94
C GLU C 168 -0.90 16.27 -32.65
N ALA C 169 0.06 15.72 -31.87
CA ALA C 169 1.30 15.21 -32.39
C ALA C 169 1.05 14.06 -33.40
N LEU C 170 0.22 13.09 -33.00
CA LEU C 170 -0.16 11.97 -33.86
C LEU C 170 -0.88 12.46 -35.12
N GLY C 171 -1.82 13.40 -34.95
CA GLY C 171 -2.59 13.93 -36.07
C GLY C 171 -1.69 14.66 -37.09
N ALA C 172 -0.75 15.46 -36.56
CA ALA C 172 0.19 16.19 -37.40
C ALA C 172 1.12 15.23 -38.16
N ALA C 173 1.68 14.23 -37.44
CA ALA C 173 2.58 13.24 -38.00
C ALA C 173 1.84 12.42 -39.06
N PHE C 174 0.61 11.97 -38.76
CA PHE C 174 -0.21 11.26 -39.73
C PHE C 174 -0.40 12.09 -41.00
N ASP C 175 -0.67 13.39 -40.85
CA ASP C 175 -1.06 14.24 -41.96
C ASP C 175 0.09 14.47 -42.94
N VAL C 176 1.35 14.46 -42.47
CA VAL C 176 2.51 14.55 -43.35
C VAL C 176 2.43 13.43 -44.40
N VAL C 177 2.28 12.23 -43.86
CA VAL C 177 2.30 10.95 -44.55
C VAL C 177 0.98 10.75 -45.32
N GLY C 178 -0.13 11.28 -44.77
CA GLY C 178 -1.43 11.21 -45.42
C GLY C 178 -1.46 12.05 -46.70
N ALA C 179 -0.99 13.30 -46.57
CA ALA C 179 -0.82 14.23 -47.68
C ALA C 179 0.20 13.67 -48.68
N GLY C 180 1.33 13.16 -48.16
CA GLY C 180 2.37 12.52 -48.92
C GLY C 180 3.61 13.40 -49.02
N LEU C 181 4.75 12.77 -49.28
CA LEU C 181 6.04 13.44 -49.37
C LEU C 181 6.11 14.26 -50.66
N ASP C 182 5.37 13.83 -51.73
CA ASP C 182 5.18 14.62 -52.96
C ASP C 182 4.72 16.07 -52.70
N ARG C 183 4.21 16.44 -51.49
CA ARG C 183 3.68 17.77 -51.20
C ARG C 183 4.37 18.42 -50.00
N LEU C 184 5.71 18.40 -50.01
CA LEU C 184 6.50 18.98 -48.90
C LEU C 184 6.06 18.36 -47.57
N THR D 1 -38.82 -28.16 36.87
CA THR D 1 -39.04 -28.11 35.40
C THR D 1 -37.69 -28.14 34.66
N THR D 2 -36.74 -27.27 35.07
CA THR D 2 -35.50 -27.05 34.33
C THR D 2 -34.54 -28.24 34.59
N PRO D 3 -33.96 -28.86 33.52
CA PRO D 3 -32.71 -29.64 33.61
C PRO D 3 -31.61 -29.02 34.48
N HIS D 4 -31.42 -27.71 34.42
CA HIS D 4 -30.29 -27.16 35.21
C HIS D 4 -30.67 -27.14 36.69
N HIS D 5 -31.93 -26.86 37.01
CA HIS D 5 -32.36 -26.93 38.45
C HIS D 5 -32.08 -28.33 38.99
N ILE D 6 -32.45 -29.37 38.25
CA ILE D 6 -32.18 -30.76 38.63
C ILE D 6 -30.67 -30.97 38.81
N SER D 7 -29.87 -30.46 37.87
CA SER D 7 -28.42 -30.64 37.91
C SER D 7 -27.85 -29.93 39.14
N ASP D 8 -28.28 -28.68 39.39
CA ASP D 8 -27.81 -27.90 40.52
C ASP D 8 -28.06 -28.62 41.84
N VAL D 9 -29.29 -29.10 42.03
CA VAL D 9 -29.70 -29.90 43.20
C VAL D 9 -28.82 -31.14 43.32
N ALA D 10 -28.64 -31.87 42.20
CA ALA D 10 -27.81 -33.07 42.17
C ALA D 10 -26.37 -32.79 42.61
N ILE D 11 -25.82 -31.65 42.19
CA ILE D 11 -24.43 -31.32 42.48
C ILE D 11 -24.25 -30.92 43.95
N GLU D 12 -25.24 -30.25 44.55
CA GLU D 12 -25.24 -29.99 45.99
C GLU D 12 -25.19 -31.31 46.78
N LEU D 13 -25.98 -32.31 46.36
CA LEU D 13 -25.96 -33.64 46.99
C LEU D 13 -24.63 -34.37 46.76
N PHE D 14 -24.09 -34.29 45.53
CA PHE D 14 -22.82 -34.93 45.20
C PHE D 14 -21.64 -34.29 45.97
N ALA D 15 -21.64 -32.95 46.10
CA ALA D 15 -20.69 -32.24 46.95
C ALA D 15 -20.73 -32.67 48.42
N ALA D 16 -21.94 -32.78 49.02
CA ALA D 16 -22.10 -33.07 50.44
C ALA D 16 -21.75 -34.53 50.78
N HIS D 17 -22.29 -35.49 50.01
CA HIS D 17 -22.14 -36.93 50.22
C HIS D 17 -21.18 -37.42 49.14
N GLY D 18 -21.14 -38.71 48.81
CA GLY D 18 -20.39 -39.10 47.60
C GLY D 18 -21.13 -38.72 46.30
N PHE D 19 -20.52 -38.94 45.14
CA PHE D 19 -21.28 -39.18 43.90
C PHE D 19 -21.92 -40.56 44.01
N THR D 20 -21.10 -41.53 44.40
CA THR D 20 -21.43 -42.94 44.45
C THR D 20 -22.55 -43.21 45.47
N ASP D 21 -22.58 -42.50 46.62
CA ASP D 21 -23.59 -42.70 47.66
C ASP D 21 -24.89 -41.90 47.44
N VAL D 22 -25.03 -41.14 46.36
CA VAL D 22 -26.26 -40.41 46.05
C VAL D 22 -26.97 -41.18 44.94
N SER D 23 -28.22 -41.62 45.19
CA SER D 23 -29.04 -42.32 44.22
C SER D 23 -29.81 -41.31 43.34
N VAL D 24 -30.36 -41.82 42.25
CA VAL D 24 -31.20 -41.05 41.36
C VAL D 24 -32.52 -40.64 42.06
N ASP D 25 -33.00 -41.48 42.98
CA ASP D 25 -34.25 -41.18 43.75
C ASP D 25 -33.94 -40.08 44.76
N ASP D 26 -32.79 -40.14 45.43
CA ASP D 26 -32.36 -39.05 46.30
C ASP D 26 -32.43 -37.68 45.59
N ILE D 27 -32.04 -37.68 44.31
CA ILE D 27 -32.03 -36.49 43.48
C ILE D 27 -33.45 -36.08 43.12
N ALA D 28 -34.31 -37.05 42.74
CA ALA D 28 -35.72 -36.81 42.44
C ALA D 28 -36.43 -36.16 43.63
N ARG D 29 -36.17 -36.72 44.84
CA ARG D 29 -36.76 -36.20 46.07
C ARG D 29 -36.31 -34.76 46.35
N ALA D 30 -35.00 -34.52 46.33
CA ALA D 30 -34.43 -33.20 46.55
C ALA D 30 -34.87 -32.16 45.52
N ALA D 31 -35.11 -32.59 44.26
CA ALA D 31 -35.56 -31.72 43.16
C ALA D 31 -37.08 -31.56 43.11
N GLY D 32 -37.81 -32.37 43.90
CA GLY D 32 -39.26 -32.22 43.99
C GLY D 32 -39.97 -32.81 42.76
N ILE D 33 -39.46 -33.94 42.22
CA ILE D 33 -40.02 -34.59 41.04
C ILE D 33 -40.14 -36.09 41.29
N ALA D 34 -41.03 -36.74 40.54
CA ALA D 34 -41.05 -38.20 40.45
C ALA D 34 -39.80 -38.73 39.75
N ARG D 35 -39.47 -39.99 40.03
CA ARG D 35 -38.30 -40.68 39.49
C ARG D 35 -38.29 -40.69 37.97
N ARG D 36 -39.45 -41.02 37.32
CA ARG D 36 -39.50 -41.13 35.85
C ARG D 36 -39.44 -39.71 35.24
N THR D 37 -39.87 -38.65 35.96
CA THR D 37 -39.74 -37.29 35.48
C THR D 37 -38.27 -36.91 35.29
N LEU D 38 -37.40 -37.32 36.22
CA LEU D 38 -35.98 -37.11 36.10
C LEU D 38 -35.40 -37.72 34.84
N PHE D 39 -35.89 -38.92 34.45
CA PHE D 39 -35.33 -39.66 33.33
C PHE D 39 -35.76 -39.08 31.97
N ARG D 40 -36.79 -38.21 31.95
CA ARG D 40 -37.18 -37.49 30.75
C ARG D 40 -36.09 -36.48 30.40
N TYR D 41 -35.40 -35.90 31.40
CA TYR D 41 -34.34 -34.92 31.19
C TYR D 41 -32.93 -35.51 31.11
N TYR D 42 -32.70 -36.68 31.75
CA TYR D 42 -31.40 -37.31 31.81
C TYR D 42 -31.61 -38.82 31.73
N ALA D 43 -31.01 -39.51 30.73
CA ALA D 43 -31.19 -40.94 30.56
C ALA D 43 -30.34 -41.76 31.53
N SER D 44 -29.47 -41.10 32.30
CA SER D 44 -28.48 -41.77 33.11
C SER D 44 -28.08 -40.88 34.29
N LYS D 45 -27.55 -41.50 35.35
CA LYS D 45 -26.99 -40.77 36.49
C LYS D 45 -25.76 -39.97 36.06
N ASN D 46 -24.91 -40.58 35.22
CA ASN D 46 -23.68 -40.02 34.71
C ASN D 46 -23.92 -38.74 33.89
N ALA D 47 -25.09 -38.60 33.24
CA ALA D 47 -25.44 -37.39 32.49
C ALA D 47 -25.73 -36.18 33.39
N ILE D 48 -26.13 -36.40 34.65
CA ILE D 48 -26.76 -35.38 35.47
C ILE D 48 -25.77 -34.25 35.83
N PRO D 49 -24.51 -34.51 36.25
CA PRO D 49 -23.56 -33.43 36.53
C PRO D 49 -23.25 -32.51 35.33
N TRP D 50 -23.36 -33.03 34.11
CA TRP D 50 -23.20 -32.26 32.87
C TRP D 50 -24.56 -31.66 32.49
N GLY D 51 -25.14 -30.82 33.32
CA GLY D 51 -26.52 -30.37 33.16
C GLY D 51 -27.39 -30.00 31.95
N ASP D 52 -26.89 -29.11 31.08
CA ASP D 52 -27.63 -28.66 29.91
C ASP D 52 -26.43 -28.25 29.05
N PHE D 53 -25.49 -29.20 28.85
CA PHE D 53 -24.26 -28.97 28.10
C PHE D 53 -24.55 -28.74 26.60
N SER D 54 -25.56 -29.46 26.07
CA SER D 54 -26.12 -29.25 24.75
C SER D 54 -26.35 -27.75 24.45
N THR D 55 -26.95 -27.03 25.43
CA THR D 55 -27.23 -25.61 25.32
C THR D 55 -25.95 -24.78 25.44
N HIS D 56 -25.06 -25.14 26.39
CA HIS D 56 -23.78 -24.46 26.49
C HIS D 56 -23.04 -24.54 25.14
N LEU D 57 -23.00 -25.74 24.52
CA LEU D 57 -22.33 -25.94 23.23
C LEU D 57 -22.95 -25.10 22.12
N ALA D 58 -24.29 -25.02 22.06
CA ALA D 58 -24.95 -24.22 21.04
C ALA D 58 -24.61 -22.72 21.18
N GLN D 59 -24.56 -22.25 22.45
CA GLN D 59 -24.20 -20.87 22.79
C GLN D 59 -22.74 -20.55 22.41
N LEU D 60 -21.81 -21.46 22.76
CA LEU D 60 -20.41 -21.35 22.35
C LEU D 60 -20.26 -21.29 20.83
N GLN D 61 -20.95 -22.18 20.11
CA GLN D 61 -20.99 -22.15 18.65
C GLN D 61 -21.51 -20.80 18.17
N GLY D 62 -22.61 -20.29 18.80
CA GLY D 62 -23.18 -19.00 18.42
C GLY D 62 -22.19 -17.85 18.55
N LEU D 63 -21.50 -17.83 19.69
CA LEU D 63 -20.55 -16.79 20.01
C LEU D 63 -19.38 -16.82 19.02
N LEU D 64 -18.82 -18.02 18.77
CA LEU D 64 -17.71 -18.18 17.83
C LEU D 64 -18.13 -17.90 16.39
N ASP D 65 -19.31 -18.36 15.96
CA ASP D 65 -19.81 -18.08 14.62
C ASP D 65 -19.90 -16.58 14.38
N ASN D 66 -20.32 -15.81 15.42
CA ASN D 66 -20.64 -14.40 15.24
C ASN D 66 -19.49 -13.47 15.60
N ILE D 67 -18.31 -14.00 15.92
CA ILE D 67 -17.15 -13.15 16.16
C ILE D 67 -16.67 -12.61 14.81
N ASP D 68 -16.35 -11.31 14.78
CA ASP D 68 -16.05 -10.59 13.54
C ASP D 68 -14.82 -11.22 12.89
N SER D 69 -14.84 -11.37 11.56
CA SER D 69 -13.84 -12.16 10.87
C SER D 69 -12.44 -11.52 10.94
N ARG D 70 -12.41 -10.18 11.07
CA ARG D 70 -11.19 -9.41 11.23
C ARG D 70 -10.51 -9.64 12.59
N ILE D 71 -11.25 -10.09 13.62
CA ILE D 71 -10.66 -10.48 14.90
C ILE D 71 -9.85 -11.76 14.71
N GLN D 72 -8.57 -11.72 15.08
CA GLN D 72 -7.62 -12.81 14.84
C GLN D 72 -8.03 -14.05 15.64
N LEU D 73 -7.57 -15.22 15.20
CA LEU D 73 -8.05 -16.51 15.70
C LEU D 73 -7.71 -16.69 17.17
N ARG D 74 -6.52 -16.29 17.59
CA ARG D 74 -6.11 -16.48 18.99
C ARG D 74 -6.97 -15.60 19.90
N ASP D 75 -7.24 -14.36 19.47
CA ASP D 75 -8.05 -13.45 20.27
C ASP D 75 -9.48 -13.96 20.41
N ALA D 76 -10.04 -14.51 19.33
CA ALA D 76 -11.38 -15.08 19.30
C ALA D 76 -11.52 -16.25 20.28
N LEU D 77 -10.53 -17.17 20.26
CA LEU D 77 -10.52 -18.34 21.12
C LEU D 77 -10.34 -17.96 22.58
N ARG D 78 -9.40 -17.06 22.87
CA ARG D 78 -9.19 -16.59 24.23
C ARG D 78 -10.43 -15.85 24.73
N ALA D 79 -11.01 -14.97 23.90
CA ALA D 79 -12.20 -14.23 24.28
C ALA D 79 -13.36 -15.19 24.58
N ALA D 80 -13.57 -16.20 23.72
CA ALA D 80 -14.64 -17.19 23.89
C ALA D 80 -14.44 -18.07 25.13
N LEU D 81 -13.21 -18.57 25.33
CA LEU D 81 -12.86 -19.38 26.49
C LEU D 81 -13.22 -18.62 27.78
N LEU D 82 -12.79 -17.36 27.91
CA LEU D 82 -13.02 -16.63 29.15
C LEU D 82 -14.47 -16.17 29.32
N ALA D 83 -15.22 -15.90 28.24
CA ALA D 83 -16.61 -15.50 28.33
C ALA D 83 -17.50 -16.58 28.94
N PHE D 84 -17.35 -17.86 28.57
CA PHE D 84 -18.22 -18.88 29.11
C PHE D 84 -17.89 -19.25 30.56
N ASN D 85 -16.71 -18.86 31.05
CA ASN D 85 -16.23 -19.21 32.38
C ASN D 85 -16.11 -17.96 33.26
N THR D 86 -16.87 -16.88 32.97
CA THR D 86 -16.96 -15.72 33.86
C THR D 86 -18.25 -15.82 34.71
N PHE D 87 -18.17 -15.91 36.06
CA PHE D 87 -19.30 -16.26 36.93
C PHE D 87 -19.41 -15.34 38.17
N ASP D 88 -20.64 -15.08 38.64
CA ASP D 88 -20.85 -14.34 39.91
C ASP D 88 -20.40 -15.16 41.12
N GLU D 89 -20.28 -14.52 42.29
CA GLU D 89 -19.75 -15.19 43.48
C GLU D 89 -20.53 -16.48 43.74
N SER D 90 -21.85 -16.40 43.54
CA SER D 90 -22.81 -17.47 43.73
C SER D 90 -22.57 -18.64 42.77
N GLU D 91 -22.46 -18.32 41.47
CA GLU D 91 -22.38 -19.30 40.40
C GLU D 91 -20.99 -19.93 40.35
N THR D 92 -19.96 -19.21 40.84
CA THR D 92 -18.62 -19.73 41.05
C THR D 92 -18.63 -20.92 42.02
N ILE D 93 -19.43 -20.86 43.09
CA ILE D 93 -19.45 -21.89 44.12
C ILE D 93 -20.01 -23.19 43.53
N ARG D 94 -21.11 -23.12 42.76
CA ARG D 94 -21.71 -24.32 42.23
C ARG D 94 -20.89 -24.91 41.07
N HIS D 95 -20.20 -24.03 40.32
CA HIS D 95 -19.31 -24.47 39.26
C HIS D 95 -18.11 -25.24 39.82
N ARG D 96 -17.62 -24.82 40.99
CA ARG D 96 -16.51 -25.47 41.65
C ARG D 96 -16.90 -26.90 42.05
N LYS D 97 -18.11 -27.08 42.60
CA LYS D 97 -18.61 -28.39 43.00
C LYS D 97 -18.84 -29.26 41.78
N ARG D 98 -19.44 -28.68 40.71
CA ARG D 98 -19.72 -29.37 39.45
C ARG D 98 -18.42 -29.93 38.83
N MET D 99 -17.37 -29.10 38.73
CA MET D 99 -16.13 -29.51 38.09
C MET D 99 -15.36 -30.55 38.92
N ARG D 100 -15.38 -30.41 40.26
CA ARG D 100 -14.85 -31.44 41.17
C ARG D 100 -15.45 -32.80 40.89
N VAL D 101 -16.79 -32.88 40.83
CA VAL D 101 -17.45 -34.16 40.56
C VAL D 101 -17.08 -34.64 39.13
N ILE D 102 -17.08 -33.75 38.12
CA ILE D 102 -16.81 -34.18 36.74
C ILE D 102 -15.36 -34.69 36.63
N LEU D 103 -14.40 -33.90 37.12
CA LEU D 103 -12.99 -34.19 36.92
C LEU D 103 -12.52 -35.35 37.81
N GLN D 104 -13.10 -35.55 39.00
CA GLN D 104 -12.55 -36.50 39.96
C GLN D 104 -13.31 -37.83 40.01
N THR D 105 -14.50 -37.98 39.43
CA THR D 105 -15.29 -39.20 39.54
C THR D 105 -14.97 -40.19 38.41
N PRO D 106 -14.33 -41.36 38.69
CA PRO D 106 -14.08 -42.38 37.66
C PRO D 106 -15.25 -42.82 36.78
N GLU D 107 -16.45 -42.91 37.40
CA GLU D 107 -17.67 -43.39 36.78
C GLU D 107 -18.19 -42.43 35.72
N LEU D 108 -17.76 -41.15 35.72
CA LEU D 108 -18.24 -40.13 34.77
C LEU D 108 -17.38 -40.01 33.51
N GLN D 109 -16.22 -40.72 33.47
CA GLN D 109 -15.19 -40.44 32.49
C GLN D 109 -15.61 -40.86 31.08
N ALA D 110 -16.22 -42.04 30.92
CA ALA D 110 -16.76 -42.47 29.63
C ALA D 110 -17.70 -41.40 29.05
N TYR D 111 -18.66 -40.97 29.86
CA TYR D 111 -19.64 -39.96 29.45
C TYR D 111 -18.99 -38.61 29.16
N SER D 112 -18.10 -38.18 30.07
CA SER D 112 -17.28 -36.98 29.91
C SER D 112 -16.51 -36.95 28.59
N MET D 113 -15.96 -38.08 28.13
CA MET D 113 -15.21 -38.15 26.88
C MET D 113 -16.07 -37.71 25.69
N THR D 114 -17.33 -38.14 25.70
CA THR D 114 -18.31 -37.75 24.69
C THR D 114 -18.61 -36.25 24.73
N MET D 115 -18.68 -35.67 25.96
CA MET D 115 -18.94 -34.24 26.13
C MET D 115 -17.74 -33.42 25.66
N TYR D 116 -16.51 -33.85 26.00
CA TYR D 116 -15.30 -33.18 25.56
C TYR D 116 -15.19 -33.22 24.03
N ALA D 117 -15.60 -34.34 23.39
CA ALA D 117 -15.54 -34.46 21.93
C ALA D 117 -16.53 -33.49 21.26
N GLY D 118 -17.68 -33.26 21.89
CA GLY D 118 -18.64 -32.25 21.47
C GLY D 118 -18.05 -30.83 21.51
N TRP D 119 -17.37 -30.52 22.61
CA TRP D 119 -16.71 -29.24 22.80
C TRP D 119 -15.62 -29.03 21.76
N ARG D 120 -14.71 -30.01 21.63
CA ARG D 120 -13.71 -30.01 20.58
C ARG D 120 -14.32 -29.88 19.18
N GLU D 121 -15.49 -30.47 18.93
CA GLU D 121 -16.13 -30.32 17.62
C GLU D 121 -16.53 -28.87 17.36
N VAL D 122 -17.00 -28.14 18.39
CA VAL D 122 -17.36 -26.73 18.24
C VAL D 122 -16.12 -25.92 17.86
N ILE D 123 -15.01 -26.15 18.58
CA ILE D 123 -13.77 -25.42 18.37
C ILE D 123 -13.23 -25.68 16.96
N ALA D 124 -13.18 -26.97 16.57
CA ALA D 124 -12.67 -27.37 15.28
C ALA D 124 -13.53 -26.80 14.13
N LYS D 125 -14.85 -26.80 14.27
CA LYS D 125 -15.77 -26.20 13.30
C LYS D 125 -15.43 -24.72 13.10
N PHE D 126 -15.20 -24.00 14.20
CA PHE D 126 -14.86 -22.57 14.16
C PHE D 126 -13.57 -22.32 13.38
N VAL D 127 -12.54 -23.16 13.64
CA VAL D 127 -11.26 -23.03 12.97
C VAL D 127 -11.42 -23.36 11.47
N ALA D 128 -12.15 -24.44 11.16
CA ALA D 128 -12.41 -24.87 9.79
C ALA D 128 -13.14 -23.73 9.07
N ARG D 129 -14.13 -23.09 9.71
CA ARG D 129 -14.86 -21.94 9.13
C ARG D 129 -13.93 -20.78 8.80
N ARG D 130 -12.88 -20.51 9.58
CA ARG D 130 -11.95 -19.43 9.27
C ARG D 130 -10.84 -19.82 8.30
N SER D 131 -10.50 -21.11 8.20
CA SER D 131 -9.41 -21.61 7.38
C SER D 131 -10.08 -22.43 6.27
N GLY D 132 -9.36 -23.33 5.59
CA GLY D 132 -9.99 -24.41 4.83
C GLY D 132 -10.96 -25.27 5.64
N GLY D 133 -12.08 -25.67 5.03
CA GLY D 133 -13.19 -26.24 5.75
C GLY D 133 -13.21 -27.77 5.65
N LYS D 134 -12.52 -28.48 6.55
CA LYS D 134 -12.92 -29.83 6.93
C LYS D 134 -12.57 -30.02 8.42
N THR D 135 -13.61 -30.17 9.24
CA THR D 135 -13.58 -30.19 10.70
C THR D 135 -12.69 -31.33 11.22
N THR D 136 -12.43 -32.42 10.47
CA THR D 136 -11.49 -33.46 10.91
C THR D 136 -10.03 -33.19 10.53
N ASP D 137 -9.73 -32.09 9.84
CA ASP D 137 -8.35 -31.82 9.43
C ASP D 137 -7.47 -31.59 10.64
N PHE D 138 -6.16 -31.64 10.41
CA PHE D 138 -5.13 -31.64 11.42
C PHE D 138 -5.20 -30.41 12.32
N MET D 139 -5.12 -29.20 11.75
CA MET D 139 -5.00 -27.97 12.52
C MET D 139 -6.31 -27.70 13.28
N PRO D 140 -7.52 -27.65 12.66
CA PRO D 140 -8.77 -27.58 13.39
C PRO D 140 -8.77 -28.42 14.66
N GLN D 141 -8.40 -29.67 14.52
CA GLN D 141 -8.34 -30.66 15.61
C GLN D 141 -7.24 -30.65 16.67
N THR D 142 -6.00 -30.31 16.23
CA THR D 142 -4.91 -29.94 17.12
C THR D 142 -5.31 -28.74 17.99
N VAL D 143 -5.93 -27.72 17.39
CA VAL D 143 -6.30 -26.53 18.14
C VAL D 143 -7.37 -26.90 19.17
N ALA D 144 -8.34 -27.77 18.79
CA ALA D 144 -9.39 -28.17 19.70
C ALA D 144 -8.87 -28.94 20.91
N TRP D 145 -7.97 -29.89 20.68
CA TRP D 145 -7.32 -30.71 21.70
C TRP D 145 -6.45 -29.86 22.62
N THR D 146 -5.67 -28.98 22.00
CA THR D 146 -4.80 -28.08 22.72
C THR D 146 -5.63 -27.23 23.69
N MET D 147 -6.70 -26.63 23.15
CA MET D 147 -7.61 -25.82 23.93
C MET D 147 -8.30 -26.61 25.03
N LEU D 148 -8.60 -27.89 24.81
CA LEU D 148 -9.16 -28.73 25.86
C LEU D 148 -8.15 -28.90 27.00
N GLY D 149 -6.89 -29.22 26.65
CA GLY D 149 -5.82 -29.35 27.63
C GLY D 149 -5.61 -28.07 28.45
N VAL D 150 -5.58 -26.91 27.79
CA VAL D 150 -5.50 -25.60 28.42
C VAL D 150 -6.60 -25.46 29.47
N ALA D 151 -7.85 -25.74 29.07
CA ALA D 151 -9.01 -25.59 29.93
C ALA D 151 -8.91 -26.51 31.15
N LEU D 152 -8.59 -27.81 30.95
CA LEU D 152 -8.58 -28.76 32.05
C LEU D 152 -7.44 -28.47 33.03
N SER D 153 -6.30 -28.06 32.49
CA SER D 153 -5.19 -27.56 33.28
C SER D 153 -5.64 -26.40 34.18
N ALA D 154 -6.39 -25.43 33.61
CA ALA D 154 -6.86 -24.26 34.34
C ALA D 154 -7.84 -24.66 35.44
N TYR D 155 -8.81 -25.52 35.07
CA TYR D 155 -9.79 -26.04 36.00
C TYR D 155 -9.14 -26.78 37.17
N GLU D 156 -8.11 -27.58 36.91
CA GLU D 156 -7.48 -28.34 37.98
C GLU D 156 -6.67 -27.44 38.90
N HIS D 157 -5.96 -26.47 38.32
CA HIS D 157 -5.21 -25.48 39.10
C HIS D 157 -6.18 -24.69 39.99
N TRP D 158 -7.32 -24.31 39.43
CA TRP D 158 -8.37 -23.59 40.13
C TRP D 158 -8.93 -24.35 41.32
N LEU D 159 -9.23 -25.65 41.15
CA LEU D 159 -9.72 -26.51 42.22
C LEU D 159 -8.65 -26.74 43.31
N ARG D 160 -7.38 -26.89 42.92
CA ARG D 160 -6.29 -27.18 43.84
C ARG D 160 -6.00 -25.99 44.77
N ASP D 161 -6.15 -24.77 44.25
CA ASP D 161 -5.65 -23.55 44.87
C ASP D 161 -6.80 -22.54 44.92
N GLU D 162 -7.35 -22.31 46.12
CA GLU D 162 -8.54 -21.47 46.32
C GLU D 162 -8.24 -19.96 46.15
N SER D 163 -6.97 -19.54 46.04
CA SER D 163 -6.59 -18.15 45.80
C SER D 163 -6.68 -17.71 44.32
N VAL D 164 -7.05 -18.62 43.39
CA VAL D 164 -6.86 -18.34 41.97
C VAL D 164 -8.22 -18.02 41.36
N SER D 165 -8.22 -16.99 40.51
CA SER D 165 -9.34 -16.65 39.64
C SER D 165 -9.38 -17.64 38.49
N LEU D 166 -10.56 -18.17 38.18
CA LEU D 166 -10.76 -19.05 37.03
C LEU D 166 -10.34 -18.38 35.72
N THR D 167 -10.78 -17.14 35.48
CA THR D 167 -10.48 -16.44 34.21
C THR D 167 -8.98 -16.10 34.10
N GLU D 168 -8.33 -15.80 35.22
CA GLU D 168 -6.88 -15.63 35.24
C GLU D 168 -6.19 -16.94 34.89
N ALA D 169 -6.65 -18.05 35.49
CA ALA D 169 -6.10 -19.38 35.27
C ALA D 169 -6.22 -19.78 33.79
N LEU D 170 -7.41 -19.61 33.21
CA LEU D 170 -7.66 -19.89 31.81
C LEU D 170 -6.81 -19.01 30.91
N GLY D 171 -6.73 -17.71 31.23
CA GLY D 171 -5.94 -16.77 30.45
C GLY D 171 -4.45 -17.14 30.46
N ALA D 172 -3.93 -17.52 31.64
CA ALA D 172 -2.53 -17.90 31.81
C ALA D 172 -2.23 -19.21 31.02
N ALA D 173 -3.13 -20.20 31.15
CA ALA D 173 -2.99 -21.49 30.49
C ALA D 173 -3.05 -21.29 28.97
N PHE D 174 -4.02 -20.50 28.50
CA PHE D 174 -4.11 -20.14 27.09
C PHE D 174 -2.81 -19.51 26.58
N ASP D 175 -2.23 -18.61 27.39
CA ASP D 175 -1.10 -17.79 26.95
C ASP D 175 0.17 -18.62 26.79
N VAL D 176 0.30 -19.71 27.54
CA VAL D 176 1.46 -20.61 27.38
C VAL D 176 1.40 -21.20 25.98
N VAL D 177 0.23 -21.71 25.61
CA VAL D 177 0.09 -22.37 24.29
C VAL D 177 0.06 -21.31 23.19
N GLY D 178 -0.59 -20.18 23.42
CA GLY D 178 -0.71 -19.13 22.39
C GLY D 178 0.63 -18.51 22.11
N ALA D 179 1.44 -18.37 23.17
CA ALA D 179 2.82 -17.87 22.99
C ALA D 179 3.64 -18.97 22.32
N GLY D 180 3.83 -20.10 23.01
CA GLY D 180 4.60 -21.23 22.45
C GLY D 180 5.55 -21.80 23.49
N LEU D 181 6.02 -23.02 23.24
CA LEU D 181 6.86 -23.68 24.27
C LEU D 181 8.25 -23.06 24.18
N ASP D 182 8.48 -22.22 23.18
CA ASP D 182 9.79 -21.54 23.01
C ASP D 182 10.01 -20.57 24.18
N THR E 1 9.07 38.58 35.52
CA THR E 1 7.99 39.31 34.81
C THR E 1 8.52 39.90 33.50
N THR E 2 9.18 39.05 32.67
CA THR E 2 9.57 39.43 31.31
C THR E 2 9.08 38.48 30.21
N PRO E 3 9.49 37.19 30.03
CA PRO E 3 8.83 36.29 29.08
C PRO E 3 7.43 35.90 29.57
N HIS E 4 7.31 35.71 30.88
CA HIS E 4 6.00 35.36 31.47
C HIS E 4 5.03 36.50 31.20
N HIS E 5 5.44 37.71 31.54
CA HIS E 5 4.54 38.84 31.41
C HIS E 5 4.00 38.94 29.99
N ILE E 6 4.89 38.79 28.99
CA ILE E 6 4.53 38.76 27.57
C ILE E 6 3.51 37.65 27.31
N SER E 7 3.77 36.43 27.84
CA SER E 7 2.90 35.29 27.61
C SER E 7 1.52 35.57 28.21
N ASP E 8 1.50 36.05 29.47
CA ASP E 8 0.25 36.30 30.18
C ASP E 8 -0.62 37.29 29.43
N VAL E 9 -0.02 38.41 29.01
CA VAL E 9 -0.69 39.46 28.24
C VAL E 9 -1.19 38.88 26.91
N ALA E 10 -0.36 38.10 26.22
CA ALA E 10 -0.73 37.46 24.95
C ALA E 10 -1.94 36.55 25.11
N ILE E 11 -1.92 35.74 26.19
CA ILE E 11 -3.04 34.79 26.42
C ILE E 11 -4.29 35.62 26.69
N GLU E 12 -4.17 36.72 27.43
CA GLU E 12 -5.33 37.61 27.67
C GLU E 12 -5.92 38.04 26.33
N LEU E 13 -5.09 38.56 25.42
CA LEU E 13 -5.60 39.07 24.12
C LEU E 13 -6.00 37.90 23.24
N PHE E 14 -5.30 36.78 23.34
CA PHE E 14 -5.68 35.57 22.56
C PHE E 14 -6.98 35.05 23.17
N ALA E 15 -7.07 35.03 24.49
CA ALA E 15 -8.31 34.58 25.17
C ALA E 15 -9.35 35.69 25.07
N ALA E 16 -8.96 36.85 24.54
CA ALA E 16 -9.93 37.93 24.31
C ALA E 16 -10.34 37.97 22.84
N HIS E 17 -9.37 37.96 21.93
CA HIS E 17 -9.65 38.06 20.47
C HIS E 17 -9.04 36.88 19.72
N GLY E 18 -9.58 36.57 18.54
CA GLY E 18 -9.11 35.39 17.78
C GLY E 18 -7.58 35.37 17.73
N PHE E 19 -6.99 34.27 18.18
CA PHE E 19 -5.51 34.13 18.10
C PHE E 19 -5.08 34.63 16.73
N THR E 20 -5.91 34.35 15.72
CA THR E 20 -5.54 34.76 14.38
C THR E 20 -5.58 36.29 14.21
N ASP E 21 -6.53 37.01 14.85
CA ASP E 21 -6.57 38.47 14.66
C ASP E 21 -5.85 39.21 15.81
N VAL E 22 -5.01 38.55 16.62
CA VAL E 22 -4.06 39.23 17.50
C VAL E 22 -2.68 39.15 16.84
N SER E 23 -2.04 40.31 16.70
CA SER E 23 -0.71 40.38 16.07
C SER E 23 0.40 40.41 17.10
N VAL E 24 1.62 40.15 16.66
CA VAL E 24 2.78 40.22 17.54
C VAL E 24 2.98 41.63 18.11
N ASP E 25 2.64 42.65 17.31
CA ASP E 25 2.76 44.05 17.78
C ASP E 25 1.67 44.30 18.82
N ASP E 26 0.42 43.93 18.54
CA ASP E 26 -0.62 44.09 19.59
C ASP E 26 -0.05 43.58 20.92
N ILE E 27 0.62 42.43 20.91
CA ILE E 27 1.16 41.84 22.13
C ILE E 27 2.25 42.74 22.73
N ALA E 28 3.18 43.21 21.88
CA ALA E 28 4.23 44.14 22.31
C ALA E 28 3.64 45.42 22.92
N ARG E 29 2.60 45.97 22.26
CA ARG E 29 1.92 47.18 22.70
C ARG E 29 1.24 46.97 24.06
N ALA E 30 0.44 45.89 24.17
CA ALA E 30 -0.28 45.56 25.40
C ALA E 30 0.67 45.23 26.55
N ALA E 31 1.86 44.68 26.25
CA ALA E 31 2.88 44.35 27.25
C ALA E 31 3.81 45.54 27.57
N GLY E 32 3.74 46.62 26.77
CA GLY E 32 4.51 47.82 27.01
C GLY E 32 5.99 47.66 26.66
N ILE E 33 6.28 46.96 25.55
CA ILE E 33 7.64 46.69 25.08
C ILE E 33 7.73 46.96 23.58
N ALA E 34 8.96 47.20 23.10
CA ALA E 34 9.21 47.27 21.66
C ALA E 34 9.06 45.88 21.04
N ARG E 35 8.75 45.86 19.74
CA ARG E 35 8.51 44.65 18.98
C ARG E 35 9.73 43.75 18.99
N ARG E 36 10.93 44.31 18.76
CA ARG E 36 12.16 43.51 18.69
C ARG E 36 12.57 43.05 20.09
N THR E 37 12.17 43.74 21.19
CA THR E 37 12.39 43.21 22.53
C THR E 37 11.68 41.87 22.75
N LEU E 38 10.44 41.75 22.24
CA LEU E 38 9.66 40.53 22.31
C LEU E 38 10.41 39.37 21.65
N PHE E 39 11.11 39.65 20.51
CA PHE E 39 11.73 38.60 19.72
C PHE E 39 13.01 38.05 20.37
N ARG E 40 13.55 38.73 21.39
CA ARG E 40 14.67 38.17 22.16
C ARG E 40 14.20 36.96 22.96
N TYR E 41 12.94 36.97 23.41
CA TYR E 41 12.37 35.92 24.25
C TYR E 41 11.57 34.87 23.45
N TYR E 42 11.04 35.23 22.27
CA TYR E 42 10.19 34.36 21.48
C TYR E 42 10.47 34.58 20.00
N ALA E 43 10.75 33.52 19.22
CA ALA E 43 11.08 33.67 17.80
C ALA E 43 9.83 33.80 16.93
N SER E 44 8.64 33.59 17.50
CA SER E 44 7.44 33.31 16.73
C SER E 44 6.21 33.54 17.61
N LYS E 45 5.07 33.78 16.96
CA LYS E 45 3.80 33.96 17.65
C LYS E 45 3.37 32.66 18.33
N ASN E 46 3.54 31.53 17.61
CA ASN E 46 3.17 30.20 18.08
C ASN E 46 3.92 29.80 19.34
N ALA E 47 5.16 30.32 19.56
CA ALA E 47 5.95 30.04 20.74
C ALA E 47 5.39 30.69 22.00
N ILE E 48 4.62 31.79 21.88
CA ILE E 48 4.30 32.66 23.00
C ILE E 48 3.41 31.97 24.03
N PRO E 49 2.31 31.25 23.63
CA PRO E 49 1.48 30.52 24.58
C PRO E 49 2.21 29.43 25.39
N TRP E 50 3.25 28.85 24.77
CA TRP E 50 4.07 27.80 25.35
C TRP E 50 5.10 28.33 26.33
N GLY E 51 5.16 29.65 26.60
CA GLY E 51 6.05 30.17 27.63
C GLY E 51 7.48 29.71 27.41
N ASP E 52 8.21 29.43 28.50
CA ASP E 52 9.58 28.95 28.46
C ASP E 52 9.56 27.44 28.67
N PHE E 53 9.04 26.71 27.67
CA PHE E 53 8.93 25.27 27.66
C PHE E 53 10.31 24.61 27.59
N SER E 54 11.28 25.25 26.89
CA SER E 54 12.68 24.82 26.86
C SER E 54 13.19 24.56 28.28
N THR E 55 12.88 25.50 29.20
CA THR E 55 13.28 25.43 30.59
C THR E 55 12.48 24.38 31.35
N HIS E 56 11.16 24.28 31.12
CA HIS E 56 10.37 23.22 31.72
C HIS E 56 10.92 21.84 31.33
N LEU E 57 11.28 21.63 30.05
CA LEU E 57 11.83 20.36 29.57
C LEU E 57 13.17 20.08 30.23
N ALA E 58 14.04 21.10 30.39
CA ALA E 58 15.34 20.91 30.99
C ALA E 58 15.20 20.50 32.44
N GLN E 59 14.23 21.12 33.16
CA GLN E 59 13.94 20.84 34.56
C GLN E 59 13.38 19.44 34.75
N LEU E 60 12.42 19.03 33.90
CA LEU E 60 11.93 17.66 33.91
C LEU E 60 13.06 16.64 33.67
N GLN E 61 13.91 16.89 32.67
CA GLN E 61 15.09 16.07 32.45
C GLN E 61 15.99 16.09 33.69
N GLY E 62 16.22 17.26 34.30
CA GLY E 62 17.04 17.37 35.51
C GLY E 62 16.49 16.53 36.66
N LEU E 63 15.17 16.57 36.87
CA LEU E 63 14.51 15.80 37.91
C LEU E 63 14.67 14.30 37.66
N LEU E 64 14.44 13.86 36.42
CA LEU E 64 14.59 12.46 36.03
C LEU E 64 16.05 11.99 36.09
N ASP E 65 17.01 12.82 35.61
CA ASP E 65 18.44 12.53 35.72
C ASP E 65 18.83 12.28 37.17
N ASN E 66 18.29 13.09 38.10
CA ASN E 66 18.77 13.13 39.47
C ASN E 66 17.90 12.28 40.41
N ILE E 67 16.93 11.52 39.88
CA ILE E 67 16.12 10.66 40.72
C ILE E 67 16.97 9.46 41.10
N ASP E 68 16.84 9.04 42.36
CA ASP E 68 17.65 7.96 42.91
C ASP E 68 17.43 6.69 42.10
N SER E 69 18.54 6.00 41.78
CA SER E 69 18.49 4.93 40.81
C SER E 69 17.80 3.69 41.41
N ARG E 70 17.74 3.59 42.74
CA ARG E 70 16.97 2.57 43.46
C ARG E 70 15.46 2.76 43.34
N ILE E 71 14.97 3.96 43.03
CA ILE E 71 13.54 4.20 42.83
C ILE E 71 13.09 3.55 41.52
N GLN E 72 12.00 2.80 41.64
CA GLN E 72 11.40 2.09 40.49
C GLN E 72 10.95 3.05 39.41
N LEU E 73 10.79 2.53 38.21
CA LEU E 73 10.47 3.32 37.02
C LEU E 73 9.08 3.92 37.13
N ARG E 74 8.10 3.13 37.56
CA ARG E 74 6.70 3.60 37.72
C ARG E 74 6.64 4.76 38.70
N ASP E 75 7.33 4.65 39.82
CA ASP E 75 7.31 5.67 40.87
C ASP E 75 7.95 6.96 40.37
N ALA E 76 9.06 6.84 39.63
CA ALA E 76 9.76 7.98 39.06
C ALA E 76 8.91 8.74 38.05
N LEU E 77 8.17 8.03 37.20
CA LEU E 77 7.27 8.63 36.21
C LEU E 77 6.12 9.36 36.88
N ARG E 78 5.47 8.72 37.84
CA ARG E 78 4.38 9.35 38.57
C ARG E 78 4.90 10.57 39.35
N ALA E 79 6.04 10.41 40.05
CA ALA E 79 6.67 11.51 40.76
C ALA E 79 6.95 12.71 39.85
N ALA E 80 7.55 12.46 38.68
CA ALA E 80 7.94 13.50 37.73
C ALA E 80 6.72 14.19 37.11
N LEU E 81 5.73 13.41 36.67
CA LEU E 81 4.49 13.95 36.15
C LEU E 81 3.87 14.97 37.12
N LEU E 82 3.71 14.60 38.39
CA LEU E 82 2.96 15.48 39.31
C LEU E 82 3.86 16.54 39.98
N ALA E 83 5.14 16.59 39.63
CA ALA E 83 6.06 17.52 40.31
C ALA E 83 6.05 18.88 39.64
N PHE E 84 5.41 19.00 38.48
CA PHE E 84 5.51 20.26 37.72
C PHE E 84 4.13 20.89 37.52
N ASN E 85 3.11 20.34 38.17
CA ASN E 85 1.74 20.83 37.92
C ASN E 85 1.20 21.44 39.21
N THR E 86 2.10 21.84 40.09
CA THR E 86 1.67 22.52 41.34
C THR E 86 1.76 24.02 41.12
N PHE E 87 0.65 24.72 41.32
CA PHE E 87 0.62 26.19 41.07
C PHE E 87 -0.22 26.88 42.14
N ASP E 88 -0.05 28.20 42.28
CA ASP E 88 -0.85 28.97 43.27
C ASP E 88 -2.17 29.37 42.61
N GLU E 89 -3.18 29.67 43.42
CA GLU E 89 -4.52 30.02 42.88
C GLU E 89 -4.33 30.96 41.70
N SER E 90 -3.48 31.97 41.84
CA SER E 90 -3.31 32.95 40.75
C SER E 90 -2.76 32.25 39.52
N GLU E 91 -1.64 31.54 39.69
CA GLU E 91 -1.01 30.85 38.55
C GLU E 91 -2.00 29.85 37.95
N THR E 92 -2.85 29.26 38.78
CA THR E 92 -3.87 28.28 38.31
C THR E 92 -4.89 28.98 37.42
N ILE E 93 -5.17 30.26 37.68
CA ILE E 93 -6.23 30.95 36.90
C ILE E 93 -5.66 31.17 35.50
N ARG E 94 -4.37 31.50 35.40
CA ARG E 94 -3.72 31.58 34.08
C ARG E 94 -3.55 30.12 33.66
N HIS E 95 -4.62 29.36 33.84
CA HIS E 95 -4.57 27.91 33.54
C HIS E 95 -6.00 27.35 33.58
N ARG E 96 -6.68 27.28 34.76
CA ARG E 96 -8.03 26.58 34.68
C ARG E 96 -9.36 27.34 34.45
N LYS E 97 -10.52 26.68 34.73
CA LYS E 97 -11.90 27.25 34.49
C LYS E 97 -11.92 27.58 33.02
N ARG E 98 -11.56 28.79 32.65
CA ARG E 98 -11.13 29.18 31.31
C ARG E 98 -10.58 27.93 30.62
N MET E 99 -10.61 27.93 29.27
CA MET E 99 -10.10 26.81 28.48
C MET E 99 -8.65 27.11 28.11
N ARG E 100 -8.01 26.29 27.25
CA ARG E 100 -6.60 26.44 26.89
C ARG E 100 -6.47 26.89 25.43
N VAL E 101 -5.67 27.95 25.26
CA VAL E 101 -5.10 28.35 23.99
C VAL E 101 -4.36 27.17 23.34
N ILE E 102 -3.50 26.47 24.09
CA ILE E 102 -2.65 25.40 23.58
C ILE E 102 -3.52 24.27 23.05
N LEU E 103 -4.46 23.76 23.86
CA LEU E 103 -5.22 22.58 23.49
C LEU E 103 -6.23 22.89 22.39
N GLN E 104 -6.85 24.09 22.42
CA GLN E 104 -8.11 24.31 21.71
C GLN E 104 -7.93 25.17 20.46
N THR E 105 -6.80 25.82 20.20
CA THR E 105 -6.59 26.64 19.00
C THR E 105 -6.16 25.80 17.78
N PRO E 106 -6.96 25.63 16.70
CA PRO E 106 -6.56 24.87 15.50
C PRO E 106 -5.20 25.18 14.88
N GLU E 107 -4.85 26.49 14.86
CA GLU E 107 -3.64 27.00 14.21
C GLU E 107 -2.38 26.62 14.98
N LEU E 108 -2.52 26.16 16.22
CA LEU E 108 -1.33 25.88 17.07
C LEU E 108 -1.11 24.38 17.21
N GLN E 109 -1.91 23.55 16.53
CA GLN E 109 -1.87 22.12 16.77
C GLN E 109 -0.63 21.49 16.13
N ALA E 110 -0.32 21.86 14.87
CA ALA E 110 0.90 21.38 14.21
C ALA E 110 2.12 21.64 15.10
N TYR E 111 2.28 22.91 15.55
CA TYR E 111 3.41 23.32 16.38
C TYR E 111 3.40 22.63 17.74
N SER E 112 2.22 22.54 18.38
CA SER E 112 1.99 21.85 19.64
C SER E 112 2.44 20.38 19.58
N MET E 113 2.23 19.71 18.44
CA MET E 113 2.66 18.31 18.29
C MET E 113 4.18 18.15 18.37
N THR E 114 4.91 19.12 17.88
CA THR E 114 6.37 19.20 17.99
C THR E 114 6.81 19.45 19.44
N MET E 115 6.02 20.24 20.22
CA MET E 115 6.30 20.48 21.62
C MET E 115 6.04 19.21 22.45
N TYR E 116 4.93 18.50 22.16
CA TYR E 116 4.65 17.23 22.79
C TYR E 116 5.73 16.21 22.47
N ALA E 117 6.28 16.19 21.24
CA ALA E 117 7.35 15.27 20.85
C ALA E 117 8.62 15.51 21.67
N GLY E 118 8.91 16.78 22.01
CA GLY E 118 9.97 17.15 22.94
C GLY E 118 9.80 16.54 24.32
N TRP E 119 8.57 16.64 24.84
CA TRP E 119 8.20 16.11 26.15
C TRP E 119 8.32 14.58 26.15
N ARG E 120 7.70 13.92 25.16
CA ARG E 120 7.84 12.49 24.97
C ARG E 120 9.30 12.07 24.83
N GLU E 121 10.17 12.88 24.19
CA GLU E 121 11.58 12.54 24.08
C GLU E 121 12.22 12.49 25.46
N VAL E 122 11.83 13.40 26.39
CA VAL E 122 12.40 13.39 27.73
C VAL E 122 12.03 12.08 28.45
N ILE E 123 10.72 11.74 28.37
CA ILE E 123 10.17 10.55 29.02
C ILE E 123 10.85 9.30 28.47
N ALA E 124 10.91 9.17 27.15
CA ALA E 124 11.42 7.99 26.48
C ALA E 124 12.91 7.83 26.75
N LYS E 125 13.70 8.93 26.76
CA LYS E 125 15.11 8.90 27.14
C LYS E 125 15.28 8.30 28.53
N PHE E 126 14.45 8.75 29.48
CA PHE E 126 14.51 8.28 30.86
C PHE E 126 14.25 6.78 30.95
N VAL E 127 13.22 6.29 30.24
CA VAL E 127 12.84 4.88 30.22
C VAL E 127 13.98 4.06 29.58
N ALA E 128 14.53 4.54 28.44
CA ALA E 128 15.61 3.86 27.74
C ALA E 128 16.81 3.76 28.69
N ARG E 129 17.13 4.86 29.41
CA ARG E 129 18.23 4.89 30.36
C ARG E 129 18.04 3.86 31.48
N ARG E 130 16.79 3.59 31.93
CA ARG E 130 16.55 2.61 32.98
C ARG E 130 16.44 1.19 32.47
N SER E 131 16.18 1.05 31.18
CA SER E 131 15.84 -0.33 30.77
C SER E 131 16.47 -0.92 29.53
N GLY E 132 16.69 -0.16 28.45
CA GLY E 132 16.96 -0.91 27.24
C GLY E 132 17.90 -0.11 26.36
N GLY E 133 17.74 -0.26 25.03
CA GLY E 133 18.74 0.11 24.08
C GLY E 133 18.52 1.55 23.67
N LYS E 134 17.60 1.79 22.73
CA LYS E 134 17.48 3.08 22.02
C LYS E 134 16.14 3.72 22.39
N THR E 135 16.13 5.05 22.44
CA THR E 135 14.97 5.92 22.62
C THR E 135 13.81 5.60 21.67
N THR E 136 14.16 5.16 20.45
CA THR E 136 13.19 4.82 19.41
C THR E 136 12.64 3.40 19.51
N ASP E 137 13.08 2.58 20.48
CA ASP E 137 12.52 1.25 20.67
C ASP E 137 11.05 1.36 21.05
N PHE E 138 10.27 0.31 20.86
CA PHE E 138 8.80 0.39 21.05
C PHE E 138 8.40 0.72 22.48
N MET E 139 9.01 0.08 23.47
CA MET E 139 8.56 0.22 24.83
C MET E 139 8.82 1.65 25.36
N PRO E 140 10.02 2.25 25.34
CA PRO E 140 10.17 3.68 25.70
C PRO E 140 9.18 4.67 25.06
N GLN E 141 8.84 4.38 23.80
CA GLN E 141 8.05 5.19 22.93
C GLN E 141 6.57 5.06 23.30
N THR E 142 6.15 3.80 23.53
CA THR E 142 4.81 3.47 24.03
C THR E 142 4.60 4.06 25.41
N VAL E 143 5.60 4.01 26.28
CA VAL E 143 5.50 4.59 27.61
C VAL E 143 5.39 6.12 27.50
N ALA E 144 6.11 6.76 26.58
CA ALA E 144 6.06 8.21 26.43
C ALA E 144 4.71 8.66 25.93
N TRP E 145 4.16 7.95 24.94
CA TRP E 145 2.82 8.21 24.38
C TRP E 145 1.72 7.97 25.40
N THR E 146 1.84 6.87 26.16
CA THR E 146 0.93 6.55 27.24
C THR E 146 0.88 7.69 28.24
N MET E 147 2.04 8.12 28.68
CA MET E 147 2.23 9.25 29.57
C MET E 147 1.60 10.54 29.01
N LEU E 148 1.76 10.78 27.70
CA LEU E 148 1.18 11.95 27.05
C LEU E 148 -0.34 11.87 27.09
N GLY E 149 -0.90 10.69 26.75
CA GLY E 149 -2.34 10.45 26.84
C GLY E 149 -2.91 10.68 28.23
N VAL E 150 -2.24 10.15 29.25
CA VAL E 150 -2.58 10.36 30.66
C VAL E 150 -2.66 11.87 30.94
N ALA E 151 -1.62 12.61 30.56
CA ALA E 151 -1.54 14.05 30.79
C ALA E 151 -2.70 14.81 30.12
N LEU E 152 -2.96 14.54 28.83
CA LEU E 152 -3.98 15.28 28.10
C LEU E 152 -5.38 14.94 28.62
N SER E 153 -5.61 13.68 28.98
CA SER E 153 -6.81 13.24 29.67
C SER E 153 -7.03 14.07 30.96
N ALA E 154 -5.97 14.23 31.77
CA ALA E 154 -6.03 14.95 33.03
C ALA E 154 -6.31 16.44 32.80
N TYR E 155 -5.58 17.04 31.83
CA TYR E 155 -5.78 18.42 31.45
C TYR E 155 -7.21 18.69 30.99
N GLU E 156 -7.80 17.79 30.22
CA GLU E 156 -9.16 18.00 29.75
C GLU E 156 -10.18 17.85 30.88
N HIS E 157 -10.00 16.88 31.76
CA HIS E 157 -10.85 16.71 32.92
C HIS E 157 -10.81 17.95 33.82
N TRP E 158 -9.60 18.49 34.00
CA TRP E 158 -9.37 19.70 34.77
C TRP E 158 -10.07 20.94 34.19
N LEU E 159 -9.99 21.14 32.87
CA LEU E 159 -10.63 22.25 32.17
C LEU E 159 -12.15 22.11 32.18
N ARG E 160 -12.65 20.88 32.03
CA ARG E 160 -14.08 20.59 31.94
C ARG E 160 -14.77 20.88 33.28
N ASP E 161 -14.07 20.62 34.38
CA ASP E 161 -14.59 20.67 35.73
C ASP E 161 -13.61 21.49 36.57
N GLU E 162 -13.98 22.73 36.90
CA GLU E 162 -13.03 23.64 37.62
C GLU E 162 -12.91 23.30 39.11
N SER E 163 -13.74 22.40 39.63
CA SER E 163 -13.62 21.96 41.02
C SER E 163 -12.52 20.92 41.26
N VAL E 164 -11.81 20.46 40.21
CA VAL E 164 -10.88 19.34 40.36
C VAL E 164 -9.45 19.89 40.39
N SER E 165 -8.65 19.27 41.24
CA SER E 165 -7.22 19.47 41.33
C SER E 165 -6.53 18.84 40.12
N LEU E 166 -5.64 19.61 39.49
CA LEU E 166 -4.83 19.13 38.36
C LEU E 166 -3.99 17.92 38.79
N THR E 167 -3.32 17.99 39.95
CA THR E 167 -2.42 16.93 40.38
C THR E 167 -3.20 15.66 40.77
N GLU E 168 -4.40 15.81 41.31
CA GLU E 168 -5.28 14.67 41.56
C GLU E 168 -5.72 14.05 40.24
N ALA E 169 -6.06 14.89 39.25
CA ALA E 169 -6.45 14.45 37.92
C ALA E 169 -5.31 13.64 37.26
N LEU E 170 -4.09 14.18 37.28
CA LEU E 170 -2.91 13.50 36.76
C LEU E 170 -2.63 12.18 37.48
N GLY E 171 -2.74 12.21 38.81
CA GLY E 171 -2.50 11.02 39.60
C GLY E 171 -3.51 9.91 39.31
N ALA E 172 -4.79 10.30 39.17
CA ALA E 172 -5.87 9.37 38.87
C ALA E 172 -5.69 8.77 37.47
N ALA E 173 -5.39 9.64 36.49
CA ALA E 173 -5.17 9.23 35.11
C ALA E 173 -3.96 8.29 35.02
N PHE E 174 -2.86 8.64 35.69
CA PHE E 174 -1.70 7.77 35.77
C PHE E 174 -2.06 6.40 36.34
N ASP E 175 -2.88 6.39 37.39
CA ASP E 175 -3.16 5.16 38.14
C ASP E 175 -3.98 4.15 37.34
N VAL E 176 -4.84 4.61 36.41
CA VAL E 176 -5.56 3.73 35.50
C VAL E 176 -4.55 2.86 34.74
N VAL E 177 -3.58 3.57 34.15
CA VAL E 177 -2.54 3.04 33.28
C VAL E 177 -1.49 2.29 34.09
N GLY E 178 -1.24 2.74 35.34
CA GLY E 178 -0.31 2.07 36.24
C GLY E 178 -0.82 0.68 36.64
N ALA E 179 -2.10 0.66 37.07
CA ALA E 179 -2.83 -0.56 37.38
C ALA E 179 -2.97 -1.46 36.15
N GLY E 180 -3.32 -0.83 35.01
CA GLY E 180 -3.34 -1.43 33.69
C GLY E 180 -4.79 -1.62 33.24
N LEU E 181 -4.98 -1.77 31.91
CA LEU E 181 -6.32 -1.91 31.36
C LEU E 181 -6.88 -3.32 31.63
N ASP E 182 -6.00 -4.31 31.84
CA ASP E 182 -6.38 -5.65 32.29
C ASP E 182 -7.14 -5.65 33.64
N ARG E 183 -7.21 -4.54 34.40
CA ARG E 183 -7.91 -4.44 35.68
C ARG E 183 -8.94 -3.30 35.67
N LEU E 184 -9.93 -3.34 34.77
CA LEU E 184 -10.96 -2.30 34.66
C LEU E 184 -12.30 -2.84 35.18
#